data_8D2N
#
_entry.id   8D2N
#
_cell.length_a   1.00
_cell.length_b   1.00
_cell.length_c   1.00
_cell.angle_alpha   90.00
_cell.angle_beta   90.00
_cell.angle_gamma   90.00
#
_symmetry.space_group_name_H-M   'P 1'
#
loop_
_entity.id
_entity.type
_entity.pdbx_description
1 polymer 'CRISPR-associated endonuclease, Csn1 family'
2 polymer 'Single guide RNA (106-MER)'
3 polymer 'DNA target strand (25-MER)'
4 polymer "DNA non-target strand (5'-D(P*TP*AP*CP*AP*CP*CP*AP*AP*GP*CP*T)-3')"
5 non-polymer 'MAGNESIUM ION'
#
loop_
_entity_poly.entity_id
_entity_poly.type
_entity_poly.pdbx_seq_one_letter_code
_entity_poly.pdbx_strand_id
1 'polypeptide(L)'
;MGGSEVGTVPVTWRLGVDVGERSIGLAAVSYEEDKPKEILAAVSWIHDGGVGDERSGASRLALRGMARRARRLRRFRRAR
LRDLDMLLSELGWTPLPDKNVSPVDAWLARKRLAEEYVVDETERRRLLGYAVSHMARHRGWRNPWTTIKDLKNLPQPSDS
WERTRESLEARYSVSLEPGTVGQWAGYLLQRAPGIRLNPTQQSAGRRAELSNATAFETRLRQEDVLWELRCIADVQGLPE
DVVSNVIDAVFCQKRPSVPAERIGRDPLDPSQLRASRACLEFQEYRIVAAVANLRIRDGSGSRPLSLEERNAVIEALLAQ
TERSLTWSDIALEILKLPNESDLTSVPEEDGPSSLAYSQFAPFDETSARIAEFIAKNRRKIPTFAQWWQEQDRTSRSDLV
AALADNSIAGEEEQELLVHLPDAELEALEGLALPSGRVAYSRLTLSGLTRVMRDDGVDVHNARKTCFGVDDNWRPPLPAL
HEATGHPVVDRNLAILRKFLSSATMRWGPPQSIVVELARGASESRERQAEEEAARRAHRKANDRIRAELRASGLSDPSPA
DLVRARLLELYDCHCMYCGAPISWENSELDHIVPRTDGGSNRHENLAITCGACNKEKGRRPFASWAETSNRVQLRDVIDR
VQKLKYSGNMYWTRDEFSRYKKSVVARLKRRTSDPEVIQSIESTGYAAVALRDRLLSYGEKNGVAQVAVFRGGVTAEARR
WLDISIERLFSRVAIFAQSTSTKRLDRRHHAVDAVVLTTLTPGVAKTLADARSRRVSAEFWRRPSDVNRHSTEEPQSPAY
RQWKESCSGLGDLLISTAARDSIAVAAPLRLRPTGALHEETLRAFSEHTVGAAWKGAELRRIVEPEVYAAFLALTDPGGR
FLKVSPSEDVLPADENRHIVLSDRVLGPRDRVKLFPDDRGSIRVRGGAAYIASFHHARVFRWGSSHSPSFALLRVSLADL
AVAGLLRDGVDVFTAELPPWTPAWRYASIALVKAVESGDAKQVGWLVPGDELDFGPEGVTTAAGDLSMFLKYFPERHWVV
TGFEDDKRINLKPAFLSAEQAEVLRTERSDRPDTLTEAGEILAQFFPRCWRATVAKVLCHPGLTVIRRTALGQPRWRRGH
LPYSWRPWSADPWSGGTP
;
A
2 'polyribonucleotide'
;GGUAGGAUGGCAAGAUCCUGGUAUGCUGGGGAGCCUGAAAAGGCUACCUAGCAAGACCCCUUCGUGGGGUCGCAUUCUUC
ACCCCCUCGCAGCAGCGAGGGGGUUC
;
B
3 'polydeoxyribonucleotide'
;(DA)(DG)(DC)(DT)(DT)(DG)(DG)(DT)(DG)(DT)(DA)(DT)(DA)(DC)(DC)(DA)(DG)(DG)(DA)(DT)
(DC)(DT)(DT)(DG)(DC)
;
X
4 'polydeoxyribonucleotide' (DT)(DA)(DC)(DA)(DC)(DC)(DA)(DA)(DG)(DC)(DT) D
#
# COMPACT_ATOMS: atom_id res chain seq x y z
N GLY A 7 -28.28 27.73 -11.44
CA GLY A 7 -27.59 28.02 -12.67
C GLY A 7 -27.35 26.80 -13.52
N THR A 8 -28.07 25.73 -13.23
CA THR A 8 -27.89 24.46 -13.93
C THR A 8 -28.69 24.47 -15.23
N VAL A 9 -28.01 24.18 -16.34
CA VAL A 9 -28.64 24.02 -17.64
C VAL A 9 -28.49 22.56 -18.04
N PRO A 10 -29.56 21.75 -17.98
CA PRO A 10 -29.45 20.32 -18.28
C PRO A 10 -29.17 20.08 -19.76
N VAL A 11 -28.01 19.49 -20.04
CA VAL A 11 -27.65 19.05 -21.38
C VAL A 11 -27.36 17.56 -21.33
N THR A 12 -27.54 16.89 -22.45
CA THR A 12 -27.25 15.46 -22.54
C THR A 12 -25.74 15.29 -22.66
N TRP A 13 -25.10 14.91 -21.56
CA TRP A 13 -23.66 14.76 -21.54
C TRP A 13 -23.28 13.43 -20.90
N ARG A 14 -22.10 12.96 -21.25
CA ARG A 14 -21.55 11.71 -20.75
C ARG A 14 -20.24 11.97 -20.02
N LEU A 15 -19.96 11.10 -19.05
CA LEU A 15 -18.77 11.15 -18.23
C LEU A 15 -17.77 10.09 -18.68
N GLY A 16 -16.51 10.48 -18.78
CA GLY A 16 -15.44 9.58 -19.12
C GLY A 16 -14.35 9.63 -18.09
N VAL A 17 -13.95 8.49 -17.53
CA VAL A 17 -13.05 8.42 -16.39
C VAL A 17 -11.95 7.43 -16.72
N ASP A 18 -10.74 7.94 -16.97
CA ASP A 18 -9.55 7.15 -17.22
C ASP A 18 -8.75 7.03 -15.93
N VAL A 19 -8.78 5.86 -15.31
CA VAL A 19 -8.16 5.64 -14.00
C VAL A 19 -6.76 5.07 -14.21
N GLY A 20 -5.77 5.67 -13.55
CA GLY A 20 -4.42 5.15 -13.52
C GLY A 20 -3.90 5.07 -12.09
N GLU A 21 -2.65 4.65 -11.98
CA GLU A 21 -2.03 4.51 -10.66
C GLU A 21 -1.72 5.88 -10.05
N ARG A 22 -1.17 6.79 -10.86
CA ARG A 22 -0.78 8.12 -10.39
C ARG A 22 -1.55 9.24 -11.06
N SER A 23 -2.60 8.94 -11.81
CA SER A 23 -3.27 9.95 -12.60
C SER A 23 -4.71 9.51 -12.85
N ILE A 24 -5.56 10.50 -13.12
CA ILE A 24 -6.94 10.24 -13.53
C ILE A 24 -7.40 11.30 -14.52
N GLY A 25 -7.82 10.86 -15.70
CA GLY A 25 -8.36 11.75 -16.71
C GLY A 25 -9.88 11.77 -16.63
N LEU A 26 -10.44 12.97 -16.68
CA LEU A 26 -11.85 13.18 -16.41
C LEU A 26 -12.44 14.06 -17.50
N ALA A 27 -13.52 13.60 -18.12
CA ALA A 27 -14.15 14.37 -19.19
C ALA A 27 -15.66 14.40 -19.05
N ALA A 28 -16.22 15.59 -19.23
CA ALA A 28 -17.65 15.77 -19.44
C ALA A 28 -17.85 16.20 -20.89
N VAL A 29 -18.52 15.37 -21.69
CA VAL A 29 -18.71 15.68 -23.11
C VAL A 29 -20.20 15.71 -23.40
N SER A 30 -20.69 16.86 -23.90
CA SER A 30 -22.09 17.02 -24.22
C SER A 30 -22.37 16.47 -25.61
N TYR A 31 -23.47 15.72 -25.71
CA TYR A 31 -23.86 14.97 -26.90
C TYR A 31 -25.19 15.48 -27.45
N GLU A 32 -25.26 15.59 -28.78
CA GLU A 32 -26.46 16.07 -29.46
C GLU A 32 -27.37 14.95 -29.92
N GLU A 33 -26.88 14.10 -30.83
CA GLU A 33 -27.69 13.04 -31.46
C GLU A 33 -26.92 11.73 -31.52
N ASP A 34 -26.38 11.30 -30.37
CA ASP A 34 -25.46 10.16 -30.18
C ASP A 34 -24.09 10.43 -30.80
N LYS A 35 -23.79 11.69 -31.12
CA LYS A 35 -22.51 12.15 -31.59
C LYS A 35 -22.01 13.26 -30.67
N PRO A 36 -20.71 13.32 -30.36
CA PRO A 36 -20.22 14.32 -29.42
C PRO A 36 -20.33 15.73 -30.01
N LYS A 37 -20.87 16.65 -29.22
CA LYS A 37 -21.09 18.01 -29.66
C LYS A 37 -20.08 18.97 -29.05
N GLU A 38 -19.89 18.94 -27.73
CA GLU A 38 -18.99 19.90 -27.10
C GLU A 38 -18.23 19.24 -25.96
N ILE A 39 -16.93 19.52 -25.88
CA ILE A 39 -16.13 19.09 -24.74
C ILE A 39 -16.33 20.13 -23.64
N LEU A 40 -17.15 19.80 -22.63
CA LEU A 40 -17.47 20.75 -21.58
C LEU A 40 -16.29 20.97 -20.64
N ALA A 41 -15.58 19.90 -20.29
CA ALA A 41 -14.39 19.99 -19.47
C ALA A 41 -13.49 18.79 -19.77
N ALA A 42 -12.18 19.02 -19.75
CA ALA A 42 -11.21 17.94 -19.86
C ALA A 42 -10.00 18.27 -19.02
N VAL A 43 -9.72 17.42 -18.04
CA VAL A 43 -8.66 17.68 -17.08
C VAL A 43 -8.04 16.36 -16.64
N SER A 44 -6.71 16.35 -16.57
CA SER A 44 -5.93 15.30 -15.95
C SER A 44 -5.58 15.77 -14.54
N TRP A 45 -5.74 14.89 -13.56
CA TRP A 45 -5.36 15.17 -12.19
C TRP A 45 -4.24 14.22 -11.80
N ILE A 46 -3.11 14.78 -11.39
CA ILE A 46 -1.93 13.99 -11.04
C ILE A 46 -1.92 13.86 -9.52
N HIS A 47 -2.16 12.65 -9.02
CA HIS A 47 -2.17 12.43 -7.59
C HIS A 47 -1.06 11.47 -7.20
N ASP A 48 -0.75 11.44 -5.90
CA ASP A 48 0.36 10.64 -5.40
C ASP A 48 -0.03 9.20 -5.09
N GLY A 49 -1.29 8.83 -5.25
CA GLY A 49 -1.74 7.52 -4.82
C GLY A 49 -1.78 7.33 -3.32
N GLY A 50 -1.87 8.41 -2.55
CA GLY A 50 -1.87 8.32 -1.10
C GLY A 50 -0.54 7.96 -0.49
N VAL A 51 0.55 8.11 -1.23
CA VAL A 51 1.86 7.60 -0.84
C VAL A 51 2.59 8.69 -0.05
N GLY A 52 3.13 8.32 1.11
CA GLY A 52 3.87 9.25 1.94
C GLY A 52 5.36 8.99 2.00
N ASP A 53 5.76 7.74 1.77
CA ASP A 53 7.17 7.37 1.68
C ASP A 53 7.43 7.07 0.21
N GLU A 54 8.17 7.96 -0.45
CA GLU A 54 8.31 7.93 -1.90
C GLU A 54 9.12 6.74 -2.40
N ARG A 55 10.01 6.17 -1.57
CA ARG A 55 10.83 5.05 -2.00
C ARG A 55 10.38 3.70 -1.43
N SER A 56 9.87 3.66 -0.19
CA SER A 56 9.46 2.39 0.38
C SER A 56 8.07 1.98 -0.06
N GLY A 57 7.32 2.87 -0.71
CA GLY A 57 5.98 2.58 -1.18
C GLY A 57 4.91 2.58 -0.12
N ALA A 58 5.24 2.97 1.12
CA ALA A 58 4.26 2.98 2.20
C ALA A 58 3.34 4.17 2.05
N SER A 59 2.05 3.95 2.31
CA SER A 59 1.09 5.04 2.24
C SER A 59 1.23 5.96 3.45
N ARG A 60 0.56 7.10 3.35
CA ARG A 60 0.48 8.05 4.45
C ARG A 60 -0.25 7.43 5.64
N LEU A 61 -1.32 6.68 5.35
CA LEU A 61 -2.07 5.99 6.39
C LEU A 61 -1.24 4.91 7.07
N ALA A 62 -0.39 4.22 6.29
CA ALA A 62 0.48 3.19 6.86
C ALA A 62 1.53 3.79 7.78
N LEU A 63 2.14 4.90 7.37
CA LEU A 63 3.13 5.55 8.24
C LEU A 63 2.49 6.13 9.49
N ARG A 64 1.26 6.68 9.35
CA ARG A 64 0.53 7.17 10.52
C ARG A 64 0.20 6.06 11.50
N GLY A 65 -0.22 4.90 10.97
CA GLY A 65 -0.51 3.76 11.84
C GLY A 65 0.73 3.21 12.51
N MET A 66 1.85 3.16 11.79
CA MET A 66 3.10 2.70 12.36
C MET A 66 3.58 3.62 13.48
N ALA A 67 3.49 4.94 13.27
CA ALA A 67 3.88 5.90 14.32
C ALA A 67 2.96 5.81 15.54
N ARG A 68 1.65 5.68 15.30
CA ARG A 68 0.69 5.54 16.40
C ARG A 68 0.94 4.27 17.21
N ARG A 69 1.26 3.17 16.53
CA ARG A 69 1.51 1.92 17.22
C ARG A 69 2.84 1.95 17.96
N ALA A 70 3.84 2.67 17.43
CA ALA A 70 5.08 2.84 18.17
C ALA A 70 4.86 3.65 19.45
N ARG A 71 4.02 4.69 19.39
CA ARG A 71 3.66 5.43 20.61
C ARG A 71 2.92 4.55 21.61
N ARG A 72 1.98 3.73 21.13
CA ARG A 72 1.24 2.82 22.00
C ARG A 72 2.16 1.77 22.64
N LEU A 73 3.12 1.27 21.85
CA LEU A 73 4.12 0.32 22.35
C LEU A 73 4.95 0.96 23.46
N ARG A 74 5.42 2.19 23.24
CA ARG A 74 6.28 2.84 24.22
C ARG A 74 5.52 3.14 25.51
N ARG A 75 4.25 3.55 25.39
CA ARG A 75 3.44 3.83 26.58
C ARG A 75 3.16 2.55 27.39
N PHE A 76 2.77 1.46 26.71
CA PHE A 76 2.49 0.22 27.43
C PHE A 76 3.77 -0.40 27.99
N ARG A 77 4.90 -0.25 27.29
CA ARG A 77 6.17 -0.75 27.80
C ARG A 77 6.59 0.01 29.05
N ARG A 78 6.38 1.34 29.06
CA ARG A 78 6.65 2.14 30.25
C ARG A 78 5.76 1.73 31.42
N ALA A 79 4.47 1.45 31.13
CA ALA A 79 3.55 0.99 32.17
C ALA A 79 3.97 -0.36 32.75
N ARG A 80 4.40 -1.29 31.90
CA ARG A 80 4.78 -2.61 32.39
C ARG A 80 6.13 -2.58 33.11
N LEU A 81 7.03 -1.66 32.72
CA LEU A 81 8.26 -1.48 33.48
C LEU A 81 7.99 -0.88 34.85
N ARG A 82 7.02 0.04 34.93
CA ARG A 82 6.59 0.59 36.22
C ARG A 82 5.99 -0.50 37.10
N ASP A 83 5.19 -1.39 36.51
CA ASP A 83 4.61 -2.51 37.28
C ASP A 83 5.68 -3.47 37.76
N LEU A 84 6.69 -3.77 36.94
CA LEU A 84 7.80 -4.60 37.37
C LEU A 84 8.59 -3.92 38.49
N ASP A 85 8.80 -2.60 38.39
CA ASP A 85 9.50 -1.86 39.42
C ASP A 85 8.75 -1.90 40.75
N MET A 86 7.43 -1.80 40.70
CA MET A 86 6.62 -1.94 41.91
C MET A 86 6.72 -3.35 42.50
N LEU A 87 6.75 -4.38 41.64
CA LEU A 87 6.91 -5.75 42.11
C LEU A 87 8.27 -5.97 42.76
N LEU A 88 9.33 -5.42 42.14
CA LEU A 88 10.68 -5.53 42.68
C LEU A 88 10.83 -4.76 43.99
N SER A 89 10.12 -3.63 44.13
CA SER A 89 10.09 -2.94 45.41
C SER A 89 9.34 -3.74 46.46
N GLU A 90 8.30 -4.47 46.04
CA GLU A 90 7.56 -5.33 46.98
C GLU A 90 8.42 -6.49 47.46
N LEU A 91 9.22 -7.09 46.57
CA LEU A 91 10.12 -8.16 46.95
C LEU A 91 11.44 -7.68 47.52
N GLY A 92 11.65 -6.37 47.59
CA GLY A 92 12.91 -5.82 48.09
C GLY A 92 14.10 -6.08 47.19
N TRP A 93 13.91 -6.00 45.88
CA TRP A 93 14.97 -6.22 44.90
C TRP A 93 15.29 -4.90 44.24
N THR A 94 16.57 -4.53 44.26
CA THR A 94 16.98 -3.22 43.74
C THR A 94 16.99 -3.26 42.21
N PRO A 95 16.25 -2.38 41.55
CA PRO A 95 16.32 -2.30 40.08
C PRO A 95 17.66 -1.75 39.63
N LEU A 96 17.96 -1.99 38.36
CA LEU A 96 19.19 -1.45 37.77
C LEU A 96 19.13 0.07 37.70
N PRO A 97 20.11 0.77 38.26
CA PRO A 97 20.04 2.23 38.30
C PRO A 97 20.28 2.86 36.93
N ASP A 98 19.89 4.14 36.84
CA ASP A 98 19.97 4.88 35.59
C ASP A 98 21.39 5.34 35.26
N LYS A 99 22.30 5.33 36.23
CA LYS A 99 23.65 5.81 36.03
C LYS A 99 24.55 5.24 37.14
N ASN A 100 25.85 5.54 37.01
CA ASN A 100 26.90 5.19 37.98
C ASN A 100 26.98 3.69 38.23
N VAL A 101 26.82 2.90 37.16
CA VAL A 101 27.01 1.45 37.23
C VAL A 101 27.95 1.03 36.11
N SER A 102 28.63 -0.09 36.33
CA SER A 102 29.37 -0.73 35.27
C SER A 102 28.42 -1.19 34.17
N PRO A 103 28.81 -1.09 32.89
CA PRO A 103 27.88 -1.42 31.80
C PRO A 103 27.56 -2.91 31.67
N VAL A 104 28.26 -3.78 32.39
CA VAL A 104 28.01 -5.21 32.35
C VAL A 104 27.60 -5.74 33.71
N ASP A 105 27.08 -4.88 34.58
CA ASP A 105 26.52 -5.34 35.85
C ASP A 105 25.30 -6.23 35.64
N ALA A 106 24.43 -5.88 34.69
CA ALA A 106 23.27 -6.71 34.39
C ALA A 106 23.68 -8.06 33.81
N TRP A 107 24.64 -8.06 32.89
CA TRP A 107 25.06 -9.30 32.25
C TRP A 107 25.83 -10.19 33.21
N LEU A 108 26.73 -9.61 34.01
CA LEU A 108 27.44 -10.39 35.02
C LEU A 108 26.51 -10.84 36.13
N ALA A 109 25.46 -10.08 36.43
CA ALA A 109 24.45 -10.51 37.39
C ALA A 109 23.72 -11.74 36.88
N ARG A 110 23.28 -11.71 35.61
CA ARG A 110 22.61 -12.87 35.04
C ARG A 110 23.54 -14.07 34.96
N LYS A 111 24.81 -13.84 34.60
CA LYS A 111 25.79 -14.91 34.52
C LYS A 111 26.06 -15.54 35.88
N ARG A 112 26.25 -14.71 36.91
CA ARG A 112 26.52 -15.23 38.25
C ARG A 112 25.32 -15.97 38.83
N LEU A 113 24.12 -15.40 38.67
CA LEU A 113 22.93 -16.02 39.22
C LEU A 113 22.54 -17.29 38.46
N ALA A 114 22.95 -17.42 37.20
CA ALA A 114 22.69 -18.64 36.45
C ALA A 114 23.86 -19.61 36.46
N GLU A 115 24.99 -19.25 37.07
CA GLU A 115 26.12 -20.16 37.21
C GLU A 115 26.30 -20.71 38.61
N GLU A 116 26.05 -19.91 39.64
CA GLU A 116 26.33 -20.38 41.00
C GLU A 116 25.40 -19.70 41.99
N TYR A 117 25.29 -20.32 43.16
CA TYR A 117 24.37 -19.86 44.20
C TYR A 117 25.02 -18.72 44.98
N VAL A 118 24.25 -17.65 45.20
CA VAL A 118 24.71 -16.46 45.91
C VAL A 118 24.27 -16.58 47.36
N VAL A 119 25.23 -16.53 48.28
CA VAL A 119 24.94 -16.80 49.68
C VAL A 119 24.49 -15.54 50.41
N ASP A 120 25.13 -14.41 50.13
CA ASP A 120 24.78 -13.14 50.77
C ASP A 120 23.39 -12.70 50.28
N GLU A 121 22.50 -12.43 51.23
CA GLU A 121 21.10 -12.14 50.89
C GLU A 121 20.96 -10.79 50.20
N THR A 122 21.66 -9.76 50.69
CA THR A 122 21.57 -8.43 50.09
C THR A 122 22.12 -8.41 48.67
N GLU A 123 23.27 -9.06 48.47
CA GLU A 123 23.87 -9.14 47.14
C GLU A 123 23.00 -9.97 46.20
N ARG A 124 22.40 -11.05 46.72
CA ARG A 124 21.52 -11.88 45.90
C ARG A 124 20.27 -11.12 45.46
N ARG A 125 19.67 -10.36 46.37
CA ARG A 125 18.48 -9.58 46.00
C ARG A 125 18.83 -8.44 45.05
N ARG A 126 19.99 -7.81 45.23
CA ARG A 126 20.42 -6.75 44.31
C ARG A 126 20.67 -7.29 42.91
N LEU A 127 21.37 -8.42 42.81
CA LEU A 127 21.63 -9.02 41.50
C LEU A 127 20.35 -9.55 40.86
N LEU A 128 19.43 -10.09 41.66
CA LEU A 128 18.15 -10.57 41.15
C LEU A 128 17.30 -9.42 40.61
N GLY A 129 17.28 -8.29 41.31
CA GLY A 129 16.57 -7.12 40.80
C GLY A 129 17.18 -6.57 39.53
N TYR A 130 18.52 -6.54 39.47
CA TYR A 130 19.23 -6.10 38.27
C TYR A 130 18.89 -6.99 37.08
N ALA A 131 18.93 -8.32 37.30
CA ALA A 131 18.68 -9.28 36.24
C ALA A 131 17.24 -9.22 35.76
N VAL A 132 16.28 -9.12 36.69
CA VAL A 132 14.87 -9.12 36.30
C VAL A 132 14.50 -7.83 35.57
N SER A 133 15.03 -6.69 36.03
CA SER A 133 14.80 -5.43 35.32
C SER A 133 15.40 -5.44 33.93
N HIS A 134 16.62 -5.99 33.80
CA HIS A 134 17.26 -6.05 32.49
C HIS A 134 16.54 -7.01 31.55
N MET A 135 16.02 -8.11 32.09
CA MET A 135 15.25 -9.05 31.26
C MET A 135 13.93 -8.45 30.83
N ALA A 136 13.33 -7.58 31.65
CA ALA A 136 12.14 -6.88 31.18
C ALA A 136 12.49 -5.87 30.09
N ARG A 137 13.66 -5.26 30.16
CA ARG A 137 14.06 -4.35 29.10
C ARG A 137 14.46 -5.07 27.81
N HIS A 138 14.89 -6.33 27.88
CA HIS A 138 15.43 -7.05 26.73
C HIS A 138 14.86 -8.47 26.63
N ARG A 139 13.52 -8.60 26.66
CA ARG A 139 12.90 -9.91 26.78
C ARG A 139 12.87 -10.71 25.48
N GLY A 140 13.07 -10.07 24.33
CA GLY A 140 12.99 -10.80 23.08
C GLY A 140 11.57 -10.88 22.56
N TRP A 141 11.43 -11.53 21.41
CA TRP A 141 10.16 -11.56 20.69
C TRP A 141 9.36 -12.81 21.02
N ARG A 142 8.03 -12.65 21.02
CA ARG A 142 7.09 -13.76 21.18
C ARG A 142 5.94 -13.53 20.23
N ASN A 143 5.33 -14.61 19.77
CA ASN A 143 4.05 -14.56 19.07
C ASN A 143 3.03 -13.86 19.97
N PRO A 144 2.46 -12.73 19.56
CA PRO A 144 1.64 -11.94 20.48
C PRO A 144 0.30 -12.56 20.81
N TRP A 145 -0.18 -13.50 20.00
CA TRP A 145 -1.46 -14.15 20.23
C TRP A 145 -1.37 -15.27 21.26
N THR A 146 -0.16 -15.73 21.57
CA THR A 146 0.03 -16.74 22.59
C THR A 146 -0.01 -16.11 23.97
N THR A 147 -0.61 -16.82 24.92
CA THR A 147 -0.63 -16.34 26.30
C THR A 147 0.65 -16.76 27.01
N ILE A 148 0.73 -16.42 28.31
CA ILE A 148 1.94 -16.67 29.08
C ILE A 148 2.13 -18.18 29.32
N LYS A 149 1.03 -18.91 29.53
CA LYS A 149 1.12 -20.37 29.65
C LYS A 149 1.52 -21.02 28.33
N ASP A 150 1.02 -20.48 27.21
CA ASP A 150 1.39 -20.98 25.88
C ASP A 150 2.87 -20.73 25.63
N LEU A 151 3.39 -19.59 26.09
CA LEU A 151 4.83 -19.34 26.05
C LEU A 151 5.59 -20.32 26.94
N LYS A 152 5.05 -20.60 28.13
CA LYS A 152 5.73 -21.48 29.08
C LYS A 152 5.73 -22.93 28.63
N ASN A 153 4.84 -23.32 27.72
CA ASN A 153 4.78 -24.68 27.22
C ASN A 153 5.63 -24.90 25.98
N LEU A 154 6.40 -23.90 25.56
CA LEU A 154 7.33 -24.02 24.44
C LEU A 154 8.56 -24.83 24.85
N PRO A 155 9.30 -25.40 23.89
CA PRO A 155 10.56 -26.08 24.24
C PRO A 155 11.59 -25.12 24.80
N GLN A 156 12.27 -25.56 25.86
CA GLN A 156 13.15 -24.70 26.66
C GLN A 156 14.54 -25.31 26.74
N PRO A 157 15.56 -24.72 26.10
CA PRO A 157 15.57 -23.50 25.26
C PRO A 157 15.02 -23.74 23.87
N SER A 158 14.81 -22.69 23.09
CA SER A 158 14.34 -22.85 21.72
C SER A 158 15.42 -23.45 20.83
N ASP A 159 14.98 -23.96 19.67
CA ASP A 159 15.90 -24.55 18.71
C ASP A 159 16.84 -23.51 18.11
N SER A 160 16.32 -22.29 17.87
CA SER A 160 17.13 -21.22 17.31
C SER A 160 18.27 -20.85 18.24
N TRP A 161 17.97 -20.72 19.54
CA TRP A 161 19.01 -20.45 20.51
C TRP A 161 19.93 -21.65 20.69
N GLU A 162 19.42 -22.86 20.45
CA GLU A 162 20.28 -24.04 20.58
C GLU A 162 21.32 -24.09 19.47
N ARG A 163 20.93 -23.82 18.22
CA ARG A 163 21.92 -23.69 17.14
C ARG A 163 22.86 -22.51 17.36
N THR A 164 22.34 -21.39 17.87
CA THR A 164 23.20 -20.25 18.18
C THR A 164 24.23 -20.61 19.26
N ARG A 165 23.80 -21.36 20.27
CA ARG A 165 24.69 -21.80 21.34
C ARG A 165 25.77 -22.76 20.81
N GLU A 166 25.37 -23.72 19.97
CA GLU A 166 26.34 -24.65 19.37
C GLU A 166 27.34 -23.91 18.49
N SER A 167 26.88 -22.90 17.75
CA SER A 167 27.80 -22.02 17.01
C SER A 167 28.73 -21.27 17.96
N LEU A 168 28.24 -20.91 19.16
CA LEU A 168 29.08 -20.17 20.10
C LEU A 168 30.19 -21.04 20.68
N GLU A 169 29.89 -22.32 21.00
CA GLU A 169 31.00 -23.23 21.34
C GLU A 169 31.90 -23.50 20.14
N ALA A 170 31.33 -23.64 18.94
CA ALA A 170 32.15 -23.91 17.76
C ALA A 170 33.05 -22.75 17.39
N ARG A 171 32.74 -21.54 17.85
CA ARG A 171 33.58 -20.36 17.61
C ARG A 171 34.53 -20.06 18.77
N TYR A 172 34.14 -20.31 20.02
CA TYR A 172 34.94 -19.87 21.15
C TYR A 172 35.53 -20.98 22.03
N SER A 173 35.14 -22.25 21.82
CA SER A 173 35.75 -23.43 22.45
C SER A 173 35.65 -23.42 23.98
N VAL A 174 34.57 -22.86 24.52
CA VAL A 174 34.29 -22.91 25.95
C VAL A 174 32.87 -23.41 26.16
N SER A 175 32.68 -24.14 27.25
CA SER A 175 31.40 -24.78 27.54
C SER A 175 30.80 -24.14 28.80
N LEU A 176 29.81 -23.28 28.59
CA LEU A 176 29.04 -22.70 29.68
C LEU A 176 27.82 -23.55 29.94
N GLU A 177 27.56 -23.86 31.21
CA GLU A 177 26.46 -24.73 31.59
C GLU A 177 25.67 -24.09 32.72
N PRO A 178 24.39 -23.75 32.51
CA PRO A 178 23.64 -23.85 31.25
C PRO A 178 23.91 -22.67 30.34
N GLY A 179 24.06 -22.88 29.03
CA GLY A 179 24.44 -21.79 28.14
C GLY A 179 23.31 -20.83 27.85
N THR A 180 22.94 -20.01 28.82
CA THR A 180 21.90 -19.02 28.61
C THR A 180 22.44 -17.80 27.86
N VAL A 181 21.51 -16.96 27.41
CA VAL A 181 21.87 -15.76 26.66
C VAL A 181 22.57 -14.73 27.55
N GLY A 182 22.20 -14.66 28.83
CA GLY A 182 22.86 -13.73 29.73
C GLY A 182 24.29 -14.13 30.04
N GLN A 183 24.51 -15.43 30.33
CA GLN A 183 25.86 -15.94 30.55
C GLN A 183 26.71 -15.78 29.31
N TRP A 184 26.17 -16.13 28.13
CA TRP A 184 26.94 -16.04 26.90
C TRP A 184 27.30 -14.60 26.55
N ALA A 185 26.33 -13.69 26.65
CA ALA A 185 26.59 -12.28 26.35
C ALA A 185 27.57 -11.66 27.33
N GLY A 186 27.40 -11.93 28.63
CA GLY A 186 28.31 -11.39 29.63
C GLY A 186 29.72 -11.94 29.49
N TYR A 187 29.84 -13.23 29.17
CA TYR A 187 31.16 -13.82 28.96
C TYR A 187 31.83 -13.23 27.73
N LEU A 188 31.08 -13.03 26.64
CA LEU A 188 31.70 -12.47 25.44
C LEU A 188 32.03 -10.99 25.61
N LEU A 189 31.30 -10.27 26.46
CA LEU A 189 31.68 -8.88 26.71
C LEU A 189 32.90 -8.80 27.62
N GLN A 190 33.01 -9.69 28.61
CA GLN A 190 34.19 -9.67 29.47
C GLN A 190 35.42 -10.24 28.77
N ARG A 191 35.24 -11.15 27.81
CA ARG A 191 36.35 -11.83 27.16
C ARG A 191 36.79 -11.14 25.88
N ALA A 192 35.87 -10.64 25.08
CA ALA A 192 36.17 -9.90 23.85
C ALA A 192 35.42 -8.57 23.92
N PRO A 193 35.98 -7.57 24.61
CA PRO A 193 35.27 -6.30 24.81
C PRO A 193 35.06 -5.55 23.50
N GLY A 194 33.90 -4.89 23.40
CA GLY A 194 33.53 -4.20 22.19
C GLY A 194 32.84 -5.05 21.15
N ILE A 195 32.55 -6.31 21.46
CA ILE A 195 31.82 -7.14 20.52
C ILE A 195 30.35 -6.69 20.45
N ARG A 196 29.72 -6.94 19.31
CA ARG A 196 28.32 -6.61 19.09
C ARG A 196 27.46 -7.85 19.37
N LEU A 197 26.40 -7.66 20.15
CA LEU A 197 25.56 -8.80 20.48
C LEU A 197 24.64 -9.17 19.34
N ASN A 198 24.04 -8.20 18.67
CA ASN A 198 23.05 -8.46 17.64
C ASN A 198 23.47 -7.83 16.32
N PRO A 199 23.08 -8.42 15.18
CA PRO A 199 23.51 -7.85 13.89
C PRO A 199 22.76 -6.57 13.56
N THR A 200 23.51 -5.55 13.16
CA THR A 200 22.94 -4.25 12.89
C THR A 200 22.33 -4.19 11.49
N GLN A 201 21.61 -3.10 11.25
CA GLN A 201 21.04 -2.82 9.94
C GLN A 201 22.04 -2.03 9.11
N GLN A 202 22.23 -2.44 7.86
CA GLN A 202 23.19 -1.87 6.89
C GLN A 202 24.59 -2.00 7.50
N SER A 203 25.39 -0.93 7.51
CA SER A 203 26.72 -0.99 8.11
C SER A 203 26.64 -0.91 9.63
N LEU A 210 37.09 -4.14 6.90
CA LEU A 210 36.00 -3.74 7.78
C LEU A 210 34.96 -4.84 7.89
N SER A 211 35.17 -5.75 8.83
CA SER A 211 34.23 -6.82 9.11
C SER A 211 34.37 -7.25 10.55
N ASN A 212 33.24 -7.60 11.18
CA ASN A 212 33.24 -8.12 12.55
C ASN A 212 31.97 -8.94 12.74
N ALA A 213 32.14 -10.24 13.01
CA ALA A 213 31.01 -11.10 13.32
C ALA A 213 30.42 -10.72 14.67
N THR A 214 29.09 -10.70 14.74
CA THR A 214 28.41 -10.39 15.97
C THR A 214 28.30 -11.62 16.87
N ALA A 215 27.97 -11.38 18.14
CA ALA A 215 27.91 -12.45 19.12
C ALA A 215 26.74 -13.39 18.85
N PHE A 216 25.57 -12.84 18.54
CA PHE A 216 24.39 -13.61 18.19
C PHE A 216 23.97 -13.23 16.79
N GLU A 217 23.33 -14.18 16.09
CA GLU A 217 22.92 -13.95 14.72
C GLU A 217 21.44 -14.24 14.46
N THR A 218 20.71 -14.73 15.47
CA THR A 218 19.28 -14.94 15.37
C THR A 218 18.54 -14.03 16.35
N ARG A 219 17.29 -13.74 16.01
CA ARG A 219 16.43 -12.94 16.88
C ARG A 219 16.11 -13.68 18.18
N LEU A 220 16.37 -13.02 19.30
CA LEU A 220 16.15 -13.63 20.61
C LEU A 220 14.65 -13.77 20.89
N ARG A 221 14.28 -14.93 21.43
CA ARG A 221 12.88 -15.23 21.73
C ARG A 221 12.59 -15.02 23.21
N GLN A 222 11.29 -14.93 23.54
CA GLN A 222 10.89 -14.75 24.92
C GLN A 222 11.03 -16.03 25.73
N GLU A 223 10.94 -17.19 25.08
CA GLU A 223 11.10 -18.45 25.81
C GLU A 223 12.54 -18.68 26.24
N ASP A 224 13.51 -18.07 25.56
CA ASP A 224 14.90 -18.18 25.98
C ASP A 224 15.15 -17.41 27.26
N VAL A 225 14.62 -16.18 27.34
CA VAL A 225 14.73 -15.35 28.54
C VAL A 225 13.92 -15.98 29.68
N LEU A 226 12.77 -16.58 29.36
CA LEU A 226 11.96 -17.28 30.36
C LEU A 226 12.67 -18.51 30.91
N TRP A 227 13.33 -19.27 30.03
CA TRP A 227 14.12 -20.42 30.45
C TRP A 227 15.29 -20.00 31.34
N GLU A 228 15.96 -18.91 30.97
CA GLU A 228 17.05 -18.39 31.80
C GLU A 228 16.54 -17.93 33.15
N LEU A 229 15.37 -17.27 33.19
CA LEU A 229 14.81 -16.79 34.45
C LEU A 229 14.45 -17.93 35.38
N ARG A 230 13.87 -19.01 34.82
CA ARG A 230 13.57 -20.16 35.68
C ARG A 230 14.83 -20.90 36.09
N CYS A 231 15.87 -20.90 35.24
CA CYS A 231 17.15 -21.50 35.64
C CYS A 231 17.79 -20.72 36.78
N ILE A 232 17.75 -19.38 36.71
CA ILE A 232 18.20 -18.53 37.82
C ILE A 232 17.38 -18.81 39.08
N ALA A 233 16.06 -18.99 38.92
CA ALA A 233 15.21 -19.31 40.06
C ALA A 233 15.55 -20.67 40.66
N ASP A 234 15.94 -21.63 39.81
CA ASP A 234 16.32 -22.96 40.28
C ASP A 234 17.63 -22.91 41.05
N VAL A 235 18.65 -22.23 40.50
CA VAL A 235 19.95 -22.19 41.16
C VAL A 235 19.89 -21.36 42.44
N GLN A 236 19.12 -20.27 42.43
CA GLN A 236 19.01 -19.41 43.61
C GLN A 236 17.89 -19.82 44.55
N GLY A 237 17.14 -20.88 44.24
CA GLY A 237 16.14 -21.42 45.14
C GLY A 237 14.96 -20.50 45.41
N LEU A 238 14.43 -19.85 44.39
CA LEU A 238 13.32 -18.93 44.54
C LEU A 238 12.02 -19.69 44.75
N PRO A 239 11.10 -19.16 45.58
CA PRO A 239 9.78 -19.78 45.69
C PRO A 239 8.94 -19.59 44.44
N GLU A 240 8.07 -20.58 44.19
CA GLU A 240 7.36 -20.68 42.91
C GLU A 240 6.36 -19.55 42.71
N ASP A 241 5.82 -18.99 43.80
CA ASP A 241 4.87 -17.90 43.66
C ASP A 241 5.56 -16.62 43.17
N VAL A 242 6.74 -16.32 43.69
CA VAL A 242 7.44 -15.13 43.21
C VAL A 242 8.04 -15.39 41.83
N VAL A 243 8.31 -16.66 41.49
CA VAL A 243 8.73 -17.00 40.13
C VAL A 243 7.61 -16.71 39.14
N SER A 244 6.39 -17.15 39.48
CA SER A 244 5.25 -16.88 38.62
C SER A 244 4.94 -15.39 38.55
N ASN A 245 5.14 -14.65 39.64
CA ASN A 245 4.89 -13.22 39.63
C ASN A 245 5.89 -12.47 38.76
N VAL A 246 7.18 -12.81 38.85
CA VAL A 246 8.15 -12.13 38.00
C VAL A 246 8.01 -12.56 36.54
N ILE A 247 7.54 -13.79 36.29
CA ILE A 247 7.27 -14.21 34.91
C ILE A 247 6.11 -13.41 34.31
N ASP A 248 5.03 -13.26 35.09
CA ASP A 248 3.86 -12.52 34.62
C ASP A 248 4.14 -11.03 34.48
N ALA A 249 5.06 -10.50 35.29
CA ALA A 249 5.36 -9.07 35.18
C ALA A 249 6.38 -8.77 34.09
N VAL A 250 7.35 -9.66 33.86
CA VAL A 250 8.33 -9.44 32.81
C VAL A 250 7.69 -9.63 31.44
N PHE A 251 6.91 -10.70 31.28
CA PHE A 251 6.34 -11.02 29.97
C PHE A 251 4.90 -10.55 29.83
N CYS A 252 4.58 -9.40 30.41
CA CYS A 252 3.24 -8.83 30.36
C CYS A 252 3.03 -8.20 28.98
N GLN A 253 2.42 -8.95 28.07
CA GLN A 253 2.12 -8.48 26.72
C GLN A 253 0.62 -8.22 26.61
N LYS A 254 0.26 -7.08 26.04
CA LYS A 254 -1.14 -6.75 25.83
C LYS A 254 -1.75 -7.65 24.75
N ARG A 255 -3.05 -7.87 24.86
CA ARG A 255 -3.73 -8.89 24.06
C ARG A 255 -4.10 -8.30 22.70
N PRO A 256 -3.63 -8.89 21.59
CA PRO A 256 -3.91 -8.31 20.27
C PRO A 256 -5.37 -8.45 19.85
N SER A 257 -6.10 -7.34 19.92
CA SER A 257 -7.53 -7.30 19.67
C SER A 257 -7.82 -6.81 18.26
N VAL A 258 -9.07 -6.96 17.85
CA VAL A 258 -9.59 -6.38 16.63
C VAL A 258 -10.66 -5.37 17.01
N PRO A 259 -10.34 -4.07 16.98
CA PRO A 259 -11.25 -3.07 17.56
C PRO A 259 -12.52 -2.92 16.75
N ALA A 260 -13.59 -2.52 17.45
CA ALA A 260 -14.89 -2.26 16.85
C ALA A 260 -14.85 -1.04 15.93
N GLU A 261 -15.94 -0.91 15.15
CA GLU A 261 -16.21 -0.13 13.92
C GLU A 261 -15.25 -0.45 12.76
N ARG A 262 -14.36 -1.44 12.92
CA ARG A 262 -13.60 -1.96 11.80
C ARG A 262 -14.19 -3.30 11.32
N ILE A 263 -15.28 -3.74 11.92
CA ILE A 263 -15.94 -4.99 11.53
C ILE A 263 -17.24 -4.60 10.85
N GLY A 264 -17.49 -5.22 9.70
CA GLY A 264 -18.59 -4.80 8.84
C GLY A 264 -19.97 -4.95 9.48
N ARG A 265 -20.85 -4.01 9.17
CA ARG A 265 -22.18 -4.04 9.73
C ARG A 265 -23.06 -5.04 8.96
N ASP A 266 -24.22 -5.30 9.51
CA ASP A 266 -25.20 -6.18 8.88
C ASP A 266 -25.93 -5.43 7.77
N PRO A 267 -26.03 -6.00 6.57
CA PRO A 267 -26.89 -5.37 5.53
C PRO A 267 -28.36 -5.28 5.93
N LEU A 268 -28.84 -6.16 6.81
CA LEU A 268 -30.24 -6.13 7.19
C LEU A 268 -30.49 -5.45 8.54
N ASP A 269 -29.55 -5.53 9.48
CA ASP A 269 -29.67 -4.90 10.79
C ASP A 269 -28.40 -4.09 11.06
N PRO A 270 -28.26 -2.90 10.46
CA PRO A 270 -26.96 -2.20 10.48
C PRO A 270 -26.52 -1.68 11.85
N SER A 271 -27.37 -1.72 12.88
CA SER A 271 -26.90 -1.48 14.23
C SER A 271 -26.09 -2.66 14.75
N GLN A 272 -26.49 -3.88 14.39
CA GLN A 272 -25.87 -5.08 14.92
C GLN A 272 -24.55 -5.38 14.23
N LEU A 273 -23.59 -5.89 15.01
CA LEU A 273 -22.25 -6.16 14.52
C LEU A 273 -22.22 -7.53 13.84
N ARG A 274 -21.19 -7.75 13.02
CA ARG A 274 -21.01 -8.99 12.27
C ARG A 274 -20.82 -10.19 13.20
N ALA A 275 -21.15 -11.37 12.68
CA ALA A 275 -21.04 -12.61 13.42
C ALA A 275 -19.87 -13.43 12.90
N SER A 276 -19.53 -14.48 13.65
CA SER A 276 -18.31 -15.24 13.47
C SER A 276 -18.62 -16.64 12.94
N ARG A 277 -17.56 -17.34 12.52
CA ARG A 277 -17.69 -18.76 12.18
C ARG A 277 -18.08 -19.58 13.40
N ALA A 278 -17.43 -19.32 14.53
CA ALA A 278 -17.62 -20.15 15.72
C ALA A 278 -18.95 -19.91 16.41
N CYS A 279 -19.64 -18.82 16.10
CA CYS A 279 -21.02 -18.64 16.57
C CYS A 279 -21.89 -19.76 16.03
N LEU A 280 -22.60 -20.44 16.94
CA LEU A 280 -23.35 -21.65 16.60
C LEU A 280 -24.48 -21.39 15.62
N GLU A 281 -24.96 -20.13 15.56
CA GLU A 281 -25.92 -19.70 14.56
C GLU A 281 -25.40 -19.93 13.16
N PHE A 282 -24.10 -19.73 12.92
CA PHE A 282 -23.59 -19.89 11.56
C PHE A 282 -23.49 -21.36 11.16
N GLN A 283 -23.06 -22.25 12.06
CA GLN A 283 -23.03 -23.66 11.71
C GLN A 283 -24.44 -24.22 11.48
N GLU A 284 -25.41 -23.83 12.32
CA GLU A 284 -26.76 -24.32 12.06
C GLU A 284 -27.35 -23.67 10.80
N TYR A 285 -27.02 -22.40 10.52
CA TYR A 285 -27.45 -21.75 9.29
C TYR A 285 -26.86 -22.42 8.05
N ARG A 286 -25.57 -22.76 8.12
CA ARG A 286 -24.92 -23.47 7.03
C ARG A 286 -25.54 -24.84 6.80
N ILE A 287 -25.87 -25.55 7.89
CA ILE A 287 -26.52 -26.85 7.80
C ILE A 287 -27.89 -26.73 7.13
N VAL A 288 -28.72 -25.80 7.61
CA VAL A 288 -30.09 -25.69 7.09
C VAL A 288 -30.08 -25.17 5.65
N ALA A 289 -29.19 -24.21 5.34
CA ALA A 289 -29.08 -23.70 3.98
C ALA A 289 -28.57 -24.75 3.01
N ALA A 290 -27.55 -25.53 3.42
CA ALA A 290 -27.02 -26.57 2.54
C ALA A 290 -28.00 -27.70 2.34
N VAL A 291 -28.84 -27.96 3.35
CA VAL A 291 -29.97 -28.88 3.16
C VAL A 291 -30.97 -28.31 2.16
N ALA A 292 -31.30 -27.01 2.29
CA ALA A 292 -32.34 -26.41 1.48
C ALA A 292 -31.93 -26.17 0.04
N ASN A 293 -30.63 -26.09 -0.26
CA ASN A 293 -30.20 -26.00 -1.65
C ASN A 293 -30.51 -27.28 -2.42
N LEU A 294 -30.43 -28.43 -1.76
CA LEU A 294 -30.45 -29.73 -2.43
C LEU A 294 -31.80 -30.02 -3.08
N ARG A 295 -31.77 -30.43 -4.34
CA ARG A 295 -32.99 -30.75 -5.08
C ARG A 295 -33.11 -32.26 -5.31
N ILE A 296 -34.15 -32.86 -4.74
CA ILE A 296 -34.45 -34.27 -4.93
C ILE A 296 -35.10 -34.44 -6.30
N ARG A 297 -34.68 -35.45 -7.08
CA ARG A 297 -35.33 -35.68 -8.36
C ARG A 297 -36.69 -36.32 -8.12
N ASP A 298 -37.74 -35.59 -8.45
CA ASP A 298 -39.11 -36.08 -8.32
C ASP A 298 -39.94 -35.48 -9.44
N GLY A 299 -40.96 -36.24 -9.88
CA GLY A 299 -41.88 -35.79 -10.90
C GLY A 299 -41.22 -35.50 -12.24
N SER A 300 -40.18 -36.26 -12.58
CA SER A 300 -39.29 -36.01 -13.73
C SER A 300 -38.70 -34.61 -13.71
N GLY A 301 -38.35 -34.14 -12.52
CA GLY A 301 -37.79 -32.81 -12.38
C GLY A 301 -37.03 -32.65 -11.07
N SER A 302 -36.60 -31.42 -10.81
CA SER A 302 -35.86 -31.10 -9.60
C SER A 302 -36.82 -30.43 -8.61
N ARG A 303 -37.22 -31.18 -7.57
CA ARG A 303 -38.15 -30.71 -6.57
C ARG A 303 -37.42 -30.57 -5.25
N PRO A 304 -37.41 -29.40 -4.61
CA PRO A 304 -36.73 -29.26 -3.31
C PRO A 304 -37.36 -30.14 -2.24
N LEU A 305 -36.50 -30.63 -1.34
CA LEU A 305 -36.83 -31.72 -0.41
C LEU A 305 -37.97 -31.36 0.53
N SER A 306 -38.61 -32.40 1.07
CA SER A 306 -39.78 -32.23 1.92
C SER A 306 -39.39 -31.82 3.34
N LEU A 307 -40.42 -31.57 4.15
CA LEU A 307 -40.20 -31.06 5.50
C LEU A 307 -39.67 -32.13 6.43
N GLU A 308 -40.20 -33.36 6.34
CA GLU A 308 -39.72 -34.45 7.17
C GLU A 308 -38.28 -34.81 6.82
N GLU A 309 -37.96 -34.81 5.52
CA GLU A 309 -36.59 -35.06 5.07
C GLU A 309 -35.64 -33.98 5.57
N ARG A 310 -36.04 -32.70 5.47
CA ARG A 310 -35.13 -31.64 5.89
C ARG A 310 -34.94 -31.64 7.40
N ASN A 311 -35.99 -31.95 8.18
CA ASN A 311 -35.82 -32.07 9.63
C ASN A 311 -34.93 -33.25 9.99
N ALA A 312 -35.06 -34.37 9.28
CA ALA A 312 -34.21 -35.53 9.59
C ALA A 312 -32.74 -35.26 9.28
N VAL A 313 -32.45 -34.62 8.15
CA VAL A 313 -31.04 -34.32 7.83
C VAL A 313 -30.48 -33.26 8.77
N ILE A 314 -31.28 -32.24 9.11
CA ILE A 314 -30.77 -31.17 9.96
C ILE A 314 -30.58 -31.65 11.40
N GLU A 315 -31.50 -32.49 11.89
CA GLU A 315 -31.33 -33.10 13.21
C GLU A 315 -30.16 -34.08 13.23
N ALA A 316 -29.85 -34.71 12.09
CA ALA A 316 -28.72 -35.62 12.01
C ALA A 316 -27.40 -34.93 11.69
N LEU A 317 -27.39 -33.59 11.63
CA LEU A 317 -26.20 -32.81 11.34
C LEU A 317 -25.77 -31.90 12.49
N LEU A 318 -26.69 -31.48 13.35
CA LEU A 318 -26.37 -30.65 14.50
C LEU A 318 -26.02 -31.42 15.76
N ALA A 319 -26.04 -32.75 15.71
CA ALA A 319 -25.78 -33.56 16.90
C ALA A 319 -24.54 -34.43 16.76
N GLN A 320 -23.69 -34.17 15.77
CA GLN A 320 -22.50 -34.97 15.57
C GLN A 320 -21.31 -34.41 16.34
N THR A 321 -20.20 -35.16 16.33
CA THR A 321 -18.94 -34.72 16.92
C THR A 321 -17.75 -34.85 15.99
N GLU A 322 -17.92 -35.39 14.78
CA GLU A 322 -16.84 -35.54 13.82
C GLU A 322 -17.36 -35.19 12.42
N ARG A 323 -16.48 -35.34 11.43
CA ARG A 323 -16.84 -35.16 10.02
C ARG A 323 -17.35 -36.47 9.42
N SER A 324 -18.36 -37.05 10.06
CA SER A 324 -18.74 -38.42 9.74
C SER A 324 -19.74 -38.50 8.59
N LEU A 325 -20.87 -37.80 8.70
CA LEU A 325 -21.88 -37.84 7.64
C LEU A 325 -21.41 -37.05 6.42
N THR A 326 -21.21 -37.75 5.31
CA THR A 326 -20.82 -37.16 4.04
C THR A 326 -22.00 -37.22 3.07
N TRP A 327 -21.80 -36.63 1.89
CA TRP A 327 -22.90 -36.46 0.93
C TRP A 327 -23.34 -37.80 0.33
N SER A 328 -22.42 -38.77 0.25
CA SER A 328 -22.80 -40.11 -0.17
C SER A 328 -23.56 -40.86 0.92
N ASP A 329 -23.50 -40.40 2.17
CA ASP A 329 -24.19 -41.03 3.29
C ASP A 329 -25.41 -40.25 3.77
N ILE A 330 -25.84 -39.23 3.04
CA ILE A 330 -27.10 -38.55 3.32
C ILE A 330 -28.22 -39.03 2.41
N ALA A 331 -27.93 -39.20 1.12
CA ALA A 331 -28.96 -39.47 0.13
C ALA A 331 -29.57 -40.85 0.28
N LEU A 332 -28.79 -41.84 0.73
CA LEU A 332 -29.24 -43.22 0.77
C LEU A 332 -29.47 -43.73 2.19
N GLU A 333 -29.35 -42.88 3.21
CA GLU A 333 -29.46 -43.31 4.60
C GLU A 333 -30.39 -42.47 5.45
N ILE A 334 -30.63 -41.20 5.10
CA ILE A 334 -31.51 -40.32 5.85
C ILE A 334 -32.62 -39.75 4.97
N LEU A 335 -32.26 -39.28 3.76
CA LEU A 335 -33.23 -38.81 2.79
C LEU A 335 -34.12 -39.94 2.27
N LYS A 336 -33.66 -41.19 2.37
CA LYS A 336 -34.40 -42.40 1.99
C LYS A 336 -34.79 -42.41 0.51
N LEU A 337 -33.76 -42.44 -0.34
CA LEU A 337 -33.88 -42.62 -1.78
C LEU A 337 -33.06 -43.83 -2.21
N PRO A 338 -33.37 -44.44 -3.39
CA PRO A 338 -32.55 -45.57 -3.83
C PRO A 338 -31.25 -45.16 -4.53
N ASN A 339 -31.22 -43.99 -5.17
CA ASN A 339 -30.11 -43.60 -6.02
C ASN A 339 -29.48 -42.31 -5.51
N GLU A 340 -28.15 -42.29 -5.47
CA GLU A 340 -27.40 -41.09 -5.13
C GLU A 340 -27.32 -40.09 -6.27
N SER A 341 -27.64 -40.51 -7.50
CA SER A 341 -27.70 -39.61 -8.64
C SER A 341 -29.01 -38.85 -8.74
N ASP A 342 -29.96 -39.15 -7.85
CA ASP A 342 -31.26 -38.48 -7.82
C ASP A 342 -31.24 -37.16 -7.05
N LEU A 343 -30.07 -36.68 -6.65
CA LEU A 343 -29.97 -35.46 -5.86
C LEU A 343 -29.03 -34.48 -6.55
N THR A 344 -29.47 -33.23 -6.68
CA THR A 344 -28.70 -32.19 -7.36
C THR A 344 -28.49 -30.99 -6.43
N SER A 345 -27.86 -29.96 -7.01
CA SER A 345 -27.55 -28.68 -6.36
C SER A 345 -26.68 -28.88 -5.12
N VAL A 346 -25.46 -29.32 -5.39
CA VAL A 346 -24.43 -29.53 -4.39
C VAL A 346 -23.29 -28.54 -4.66
N PRO A 347 -23.20 -27.45 -3.87
CA PRO A 347 -22.26 -26.37 -4.21
C PRO A 347 -20.80 -26.70 -3.93
N GLU A 348 -20.24 -27.64 -4.68
CA GLU A 348 -18.85 -28.03 -4.59
C GLU A 348 -18.28 -28.14 -6.01
N GLU A 349 -16.97 -28.28 -6.10
CA GLU A 349 -16.33 -28.49 -7.40
C GLU A 349 -16.64 -29.89 -7.90
N ASP A 350 -17.17 -29.97 -9.12
CA ASP A 350 -17.61 -31.24 -9.68
C ASP A 350 -16.41 -32.09 -10.11
N GLY A 351 -16.68 -33.38 -10.29
CA GLY A 351 -15.66 -34.31 -10.73
C GLY A 351 -16.23 -35.69 -11.04
N PRO A 352 -15.40 -36.54 -11.64
CA PRO A 352 -15.83 -37.93 -11.90
C PRO A 352 -15.97 -38.72 -10.60
N SER A 353 -16.88 -39.71 -10.65
CA SER A 353 -17.17 -40.64 -9.54
C SER A 353 -17.58 -39.90 -8.27
N SER A 354 -18.38 -38.85 -8.44
CA SER A 354 -18.92 -37.97 -7.38
C SER A 354 -17.82 -37.45 -6.45
N LEU A 355 -16.91 -36.67 -7.05
CA LEU A 355 -15.82 -36.05 -6.30
C LEU A 355 -16.35 -35.02 -5.30
N ALA A 356 -17.49 -34.39 -5.59
CA ALA A 356 -18.16 -33.54 -4.61
C ALA A 356 -18.66 -34.36 -3.44
N TYR A 357 -19.21 -35.55 -3.71
CA TYR A 357 -19.76 -36.39 -2.64
C TYR A 357 -18.66 -37.06 -1.84
N SER A 358 -17.43 -37.12 -2.39
CA SER A 358 -16.33 -37.77 -1.67
C SER A 358 -15.92 -36.97 -0.43
N GLN A 359 -16.08 -35.65 -0.47
CA GLN A 359 -15.82 -34.82 0.69
C GLN A 359 -17.02 -34.86 1.65
N PHE A 360 -16.92 -34.14 2.76
CA PHE A 360 -17.86 -34.31 3.86
C PHE A 360 -18.77 -33.11 3.98
N ALA A 361 -20.02 -33.37 4.37
CA ALA A 361 -21.03 -32.34 4.51
C ALA A 361 -20.71 -31.41 5.68
N PRO A 362 -21.10 -30.14 5.61
CA PRO A 362 -20.86 -29.23 6.74
C PRO A 362 -21.70 -29.60 7.95
N PHE A 363 -21.12 -29.37 9.13
CA PHE A 363 -21.71 -29.79 10.40
C PHE A 363 -21.32 -28.77 11.45
N ASP A 364 -21.80 -28.97 12.68
CA ASP A 364 -21.49 -28.06 13.77
C ASP A 364 -20.08 -28.36 14.28
N GLU A 365 -19.11 -27.72 13.61
CA GLU A 365 -17.70 -27.98 13.88
C GLU A 365 -17.24 -27.33 15.18
N THR A 366 -17.85 -26.19 15.55
CA THR A 366 -17.47 -25.53 16.79
C THR A 366 -17.91 -26.34 17.99
N SER A 367 -19.14 -26.89 17.95
CA SER A 367 -19.60 -27.78 19.00
C SER A 367 -18.76 -29.05 19.05
N ALA A 368 -18.32 -29.54 17.88
CA ALA A 368 -17.43 -30.71 17.87
C ALA A 368 -16.10 -30.41 18.53
N ARG A 369 -15.51 -29.24 18.23
CA ARG A 369 -14.23 -28.85 18.83
C ARG A 369 -14.36 -28.66 20.33
N ILE A 370 -15.45 -28.02 20.77
CA ILE A 370 -15.68 -27.80 22.19
C ILE A 370 -15.93 -29.12 22.91
N ALA A 371 -16.65 -30.04 22.27
CA ALA A 371 -16.89 -31.36 22.85
C ALA A 371 -15.60 -32.17 22.97
N GLU A 372 -14.73 -32.09 21.97
CA GLU A 372 -13.47 -32.83 22.03
C GLU A 372 -12.51 -32.23 23.06
N PHE A 373 -12.48 -30.89 23.16
CA PHE A 373 -11.64 -30.28 24.17
C PHE A 373 -12.20 -30.51 25.58
N ILE A 374 -13.52 -30.62 25.72
CA ILE A 374 -14.13 -31.09 26.95
C ILE A 374 -13.69 -32.51 27.26
N ALA A 375 -13.71 -33.39 26.25
CA ALA A 375 -13.26 -34.76 26.44
C ALA A 375 -11.77 -34.87 26.78
N LYS A 376 -10.98 -33.81 26.51
CA LYS A 376 -9.61 -33.75 27.00
C LYS A 376 -9.39 -32.91 28.26
N ASN A 377 -10.37 -32.14 28.75
CA ASN A 377 -10.11 -31.41 29.99
C ASN A 377 -11.32 -31.33 30.94
N ARG A 378 -12.22 -32.31 30.89
CA ARG A 378 -13.44 -32.27 31.69
C ARG A 378 -13.14 -32.40 33.18
N ARG A 379 -12.11 -33.17 33.54
CA ARG A 379 -11.67 -33.22 34.93
C ARG A 379 -11.06 -31.89 35.36
N LYS A 380 -10.46 -31.16 34.42
CA LYS A 380 -9.95 -29.82 34.72
C LYS A 380 -11.09 -28.82 34.91
N ILE A 381 -12.09 -28.84 34.03
CA ILE A 381 -13.20 -27.89 34.08
C ILE A 381 -14.58 -28.57 34.10
N PRO A 382 -14.95 -29.18 35.24
CA PRO A 382 -16.28 -29.80 35.34
C PRO A 382 -17.40 -28.79 35.36
N THR A 383 -17.17 -27.60 35.93
CA THR A 383 -18.22 -26.58 36.00
C THR A 383 -18.59 -26.09 34.60
N PHE A 384 -17.58 -25.84 33.75
CA PHE A 384 -17.84 -25.45 32.37
C PHE A 384 -18.53 -26.58 31.62
N ALA A 385 -18.07 -27.83 31.82
CA ALA A 385 -18.64 -28.92 31.03
C ALA A 385 -20.09 -29.21 31.42
N GLN A 386 -20.39 -29.14 32.72
CA GLN A 386 -21.77 -29.30 33.17
C GLN A 386 -22.65 -28.13 32.73
N TRP A 387 -22.11 -26.90 32.74
CA TRP A 387 -22.89 -25.75 32.26
C TRP A 387 -23.15 -25.85 30.75
N TRP A 388 -22.17 -26.38 30.01
CA TRP A 388 -22.29 -26.55 28.57
C TRP A 388 -23.32 -27.60 28.22
N GLN A 389 -23.36 -28.69 28.99
CA GLN A 389 -24.31 -29.76 28.66
C GLN A 389 -25.71 -29.44 29.17
N GLU A 390 -25.83 -28.87 30.36
CA GLU A 390 -27.12 -28.72 31.01
C GLU A 390 -27.83 -27.41 30.68
N GLN A 391 -27.09 -26.33 30.46
CA GLN A 391 -27.74 -25.03 30.26
C GLN A 391 -28.34 -24.95 28.86
N ASP A 392 -29.14 -23.90 28.65
CA ASP A 392 -29.94 -23.73 27.44
C ASP A 392 -29.04 -23.50 26.22
N ARG A 393 -29.56 -23.91 25.05
CA ARG A 393 -28.80 -23.77 23.81
C ARG A 393 -28.59 -22.30 23.43
N THR A 394 -29.54 -21.43 23.75
CA THR A 394 -29.35 -20.00 23.53
C THR A 394 -28.23 -19.45 24.40
N SER A 395 -28.19 -19.87 25.66
CA SER A 395 -27.15 -19.41 26.58
C SER A 395 -25.78 -19.94 26.19
N ARG A 396 -25.70 -21.19 25.73
CA ARG A 396 -24.40 -21.71 25.29
C ARG A 396 -23.97 -21.09 23.97
N SER A 397 -24.92 -20.73 23.09
CA SER A 397 -24.58 -20.00 21.88
C SER A 397 -24.05 -18.61 22.21
N ASP A 398 -24.65 -17.95 23.20
CA ASP A 398 -24.13 -16.68 23.69
C ASP A 398 -22.75 -16.84 24.32
N LEU A 399 -22.51 -18.00 24.97
CA LEU A 399 -21.21 -18.25 25.58
C LEU A 399 -20.12 -18.41 24.53
N VAL A 400 -20.40 -19.17 23.47
CA VAL A 400 -19.42 -19.29 22.38
C VAL A 400 -19.28 -17.97 21.63
N ALA A 401 -20.36 -17.18 21.54
CA ALA A 401 -20.27 -15.82 21.02
C ALA A 401 -19.46 -14.88 21.92
N ALA A 402 -19.31 -15.21 23.20
CA ALA A 402 -18.47 -14.40 24.10
C ALA A 402 -17.05 -14.93 24.21
N LEU A 403 -16.80 -16.17 23.77
CA LEU A 403 -15.45 -16.73 23.74
C LEU A 403 -14.77 -16.63 22.38
N ALA A 404 -15.53 -16.54 21.29
CA ALA A 404 -14.93 -16.35 19.98
C ALA A 404 -14.78 -14.89 19.59
N ASP A 405 -15.68 -14.03 20.06
CA ASP A 405 -15.62 -12.60 19.80
C ASP A 405 -14.94 -11.84 20.93
N ASN A 406 -14.31 -12.53 21.87
CA ASN A 406 -13.58 -11.86 22.95
C ASN A 406 -12.31 -11.17 22.46
N SER A 407 -11.80 -11.51 21.28
CA SER A 407 -10.63 -10.87 20.71
C SER A 407 -11.02 -9.58 20.00
N ILE A 408 -11.75 -8.70 20.69
CA ILE A 408 -12.24 -7.43 20.15
C ILE A 408 -12.17 -6.41 21.28
N ALA A 409 -11.65 -5.22 20.96
CA ALA A 409 -11.45 -4.17 21.96
C ALA A 409 -12.78 -3.72 22.56
N GLY A 410 -13.75 -3.39 21.71
CA GLY A 410 -15.06 -2.97 22.17
C GLY A 410 -16.17 -3.89 21.72
N LEU A 416 -15.86 -9.72 31.33
CA LEU A 416 -15.95 -10.48 30.09
C LEU A 416 -17.33 -11.11 29.94
N LEU A 417 -18.33 -10.39 30.47
CA LEU A 417 -19.78 -10.69 30.43
C LEU A 417 -20.20 -11.85 31.33
N VAL A 418 -19.25 -12.57 31.92
CA VAL A 418 -19.59 -13.70 32.77
C VAL A 418 -18.97 -13.52 34.16
N HIS A 419 -17.85 -12.78 34.22
CA HIS A 419 -17.10 -12.47 35.43
C HIS A 419 -16.70 -13.73 36.21
N LEU A 420 -15.92 -14.58 35.55
CA LEU A 420 -15.37 -15.78 36.13
C LEU A 420 -13.93 -15.55 36.56
N PRO A 421 -13.36 -16.36 37.51
CA PRO A 421 -12.00 -16.06 38.01
C PRO A 421 -10.88 -16.26 37.01
N ASP A 422 -9.64 -16.00 37.47
CA ASP A 422 -8.48 -15.94 36.59
C ASP A 422 -8.00 -17.30 36.11
N ALA A 423 -8.42 -18.39 36.75
CA ALA A 423 -7.98 -19.73 36.35
C ALA A 423 -9.12 -20.66 35.95
N GLU A 424 -10.36 -20.37 36.33
CA GLU A 424 -11.47 -21.22 35.96
C GLU A 424 -11.85 -21.06 34.50
N LEU A 425 -11.50 -19.91 33.89
CA LEU A 425 -11.68 -19.72 32.45
C LEU A 425 -10.38 -19.86 31.67
N GLU A 426 -9.23 -19.97 32.34
CA GLU A 426 -7.94 -19.92 31.68
C GLU A 426 -7.68 -21.17 30.84
N ALA A 427 -8.36 -22.28 31.14
CA ALA A 427 -8.28 -23.48 30.32
C ALA A 427 -8.95 -23.29 28.95
N LEU A 428 -9.78 -22.25 28.79
CA LEU A 428 -10.43 -21.98 27.52
C LEU A 428 -10.20 -20.58 26.99
N GLU A 429 -9.49 -19.72 27.71
CA GLU A 429 -9.17 -18.40 27.16
C GLU A 429 -8.17 -18.50 26.02
N GLY A 430 -7.26 -19.48 26.08
CA GLY A 430 -6.35 -19.82 25.01
C GLY A 430 -6.88 -20.80 23.99
N LEU A 431 -8.16 -21.18 24.07
CA LEU A 431 -8.76 -22.09 23.10
C LEU A 431 -8.83 -21.44 21.73
N ALA A 432 -8.55 -22.24 20.69
CA ALA A 432 -8.62 -21.77 19.31
C ALA A 432 -9.95 -22.24 18.71
N LEU A 433 -10.89 -21.31 18.61
CA LEU A 433 -12.18 -21.57 18.00
C LEU A 433 -12.10 -21.32 16.50
N PRO A 434 -13.16 -21.64 15.74
CA PRO A 434 -13.22 -21.15 14.36
C PRO A 434 -13.22 -19.63 14.28
N SER A 435 -12.59 -19.10 13.24
CA SER A 435 -12.43 -17.67 13.08
C SER A 435 -12.86 -17.24 11.68
N GLY A 436 -13.45 -16.07 11.59
CA GLY A 436 -13.92 -15.53 10.34
C GLY A 436 -15.09 -14.60 10.59
N ARG A 437 -15.62 -14.07 9.48
CA ARG A 437 -16.71 -13.09 9.54
C ARG A 437 -17.72 -13.42 8.44
N VAL A 438 -18.85 -13.98 8.84
CA VAL A 438 -19.91 -14.34 7.91
C VAL A 438 -20.84 -13.13 7.77
N ALA A 439 -21.49 -13.02 6.61
CA ALA A 439 -22.04 -11.75 6.14
C ALA A 439 -23.18 -11.21 7.01
N TYR A 440 -23.83 -12.04 7.80
CA TYR A 440 -24.97 -11.62 8.61
C TYR A 440 -24.60 -11.56 10.08
N SER A 441 -25.45 -10.88 10.85
CA SER A 441 -25.28 -10.72 12.29
C SER A 441 -25.94 -11.90 13.00
N ARG A 442 -25.60 -12.10 14.27
CA ARG A 442 -26.12 -13.26 15.00
C ARG A 442 -27.62 -13.14 15.29
N LEU A 443 -28.11 -11.91 15.54
CA LEU A 443 -29.55 -11.69 15.68
C LEU A 443 -30.30 -12.00 14.40
N THR A 444 -29.75 -11.56 13.26
CA THR A 444 -30.36 -11.84 11.96
C THR A 444 -30.26 -13.32 11.63
N LEU A 445 -29.16 -13.97 12.01
CA LEU A 445 -29.00 -15.40 11.77
C LEU A 445 -30.04 -16.20 12.55
N SER A 446 -30.30 -15.82 13.79
CA SER A 446 -31.36 -16.45 14.57
C SER A 446 -32.74 -16.17 14.00
N GLY A 447 -32.98 -14.92 13.57
CA GLY A 447 -34.28 -14.56 13.03
C GLY A 447 -34.61 -15.27 11.72
N LEU A 448 -33.63 -15.39 10.83
CA LEU A 448 -33.82 -16.14 9.60
C LEU A 448 -33.74 -17.64 9.83
N THR A 449 -33.09 -18.09 10.90
CA THR A 449 -33.14 -19.49 11.30
C THR A 449 -34.55 -19.91 11.69
N ARG A 450 -35.24 -19.08 12.46
CA ARG A 450 -36.58 -19.41 12.95
C ARG A 450 -37.63 -19.52 11.84
N VAL A 451 -37.35 -19.05 10.62
CA VAL A 451 -38.30 -19.14 9.52
C VAL A 451 -37.60 -19.97 8.42
N MET A 452 -36.80 -20.97 8.83
CA MET A 452 -36.45 -22.03 7.90
C MET A 452 -36.88 -23.41 8.38
N ARG A 453 -36.52 -23.79 9.60
CA ARG A 453 -36.78 -25.15 10.07
C ARG A 453 -38.25 -25.41 10.34
N ASP A 454 -39.08 -24.38 10.39
CA ASP A 454 -40.52 -24.52 10.60
C ASP A 454 -41.28 -24.42 9.28
N ASP A 455 -41.08 -23.33 8.54
CA ASP A 455 -41.84 -23.08 7.32
C ASP A 455 -41.24 -23.73 6.07
N GLY A 456 -40.00 -24.21 6.15
CA GLY A 456 -39.36 -24.88 5.03
C GLY A 456 -39.08 -24.01 3.82
N VAL A 457 -38.81 -22.72 4.04
CA VAL A 457 -38.49 -21.81 2.95
C VAL A 457 -37.01 -21.48 3.02
N ASP A 458 -36.45 -21.10 1.87
CA ASP A 458 -35.02 -20.85 1.76
C ASP A 458 -34.65 -19.48 2.33
N VAL A 459 -33.37 -19.12 2.19
CA VAL A 459 -32.89 -17.80 2.57
C VAL A 459 -33.55 -16.73 1.71
N HIS A 460 -33.74 -17.05 0.41
CA HIS A 460 -34.33 -16.14 -0.56
C HIS A 460 -35.76 -15.72 -0.21
N ASN A 461 -36.47 -16.51 0.60
CA ASN A 461 -37.81 -16.18 1.06
C ASN A 461 -37.83 -15.71 2.52
N ALA A 462 -37.02 -16.32 3.38
CA ALA A 462 -36.98 -15.93 4.78
C ALA A 462 -36.42 -14.53 4.99
N ARG A 463 -35.47 -14.12 4.13
CA ARG A 463 -34.94 -12.75 4.17
C ARG A 463 -36.03 -11.73 3.87
N LYS A 464 -36.92 -12.05 2.92
CA LYS A 464 -38.02 -11.15 2.61
C LYS A 464 -39.04 -11.15 3.75
N THR A 465 -39.31 -12.33 4.31
CA THR A 465 -40.39 -12.48 5.30
C THR A 465 -40.03 -11.80 6.61
N CYS A 466 -38.82 -12.02 7.13
CA CYS A 466 -38.50 -11.59 8.48
C CYS A 466 -38.32 -10.08 8.55
N PHE A 467 -37.46 -9.52 7.70
CA PHE A 467 -37.17 -8.10 7.73
C PHE A 467 -38.03 -7.27 6.77
N GLY A 468 -38.95 -7.90 6.03
CA GLY A 468 -39.87 -7.16 5.19
C GLY A 468 -39.23 -6.43 4.02
N VAL A 469 -38.30 -7.07 3.31
CA VAL A 469 -37.63 -6.47 2.16
C VAL A 469 -38.25 -7.03 0.89
N ASP A 470 -38.17 -6.25 -0.17
CA ASP A 470 -38.79 -6.60 -1.45
C ASP A 470 -37.95 -7.65 -2.17
N ASP A 471 -38.50 -8.17 -3.27
CA ASP A 471 -37.80 -9.18 -4.07
C ASP A 471 -36.54 -8.60 -4.72
N ASN A 472 -36.61 -7.36 -5.19
CA ASN A 472 -35.46 -6.70 -5.81
C ASN A 472 -34.51 -6.05 -4.79
N TRP A 473 -34.66 -6.36 -3.50
CA TRP A 473 -33.75 -5.83 -2.49
C TRP A 473 -32.34 -6.40 -2.66
N ARG A 474 -31.36 -5.52 -2.57
CA ARG A 474 -29.94 -5.85 -2.63
C ARG A 474 -29.25 -5.23 -1.43
N PRO A 475 -28.10 -5.77 -1.03
CA PRO A 475 -27.23 -5.07 -0.05
C PRO A 475 -26.88 -3.68 -0.55
N PRO A 476 -26.97 -2.67 0.30
CA PRO A 476 -26.88 -1.28 -0.18
C PRO A 476 -25.48 -0.91 -0.66
N LEU A 477 -25.45 -0.07 -1.68
CA LEU A 477 -24.21 0.33 -2.32
C LEU A 477 -23.53 1.42 -1.48
N PRO A 478 -22.19 1.44 -1.47
CA PRO A 478 -21.50 2.54 -0.79
C PRO A 478 -21.62 3.83 -1.58
N ALA A 479 -21.78 4.93 -0.87
CA ALA A 479 -21.95 6.23 -1.50
C ALA A 479 -20.59 6.78 -1.96
N LEU A 480 -20.65 7.87 -2.73
CA LEU A 480 -19.42 8.51 -3.20
C LEU A 480 -18.65 9.15 -2.06
N HIS A 481 -19.33 9.64 -1.03
CA HIS A 481 -18.64 10.29 0.08
C HIS A 481 -17.93 9.30 1.00
N GLU A 482 -18.21 8.00 0.89
CA GLU A 482 -17.60 7.00 1.76
C GLU A 482 -16.27 6.54 1.21
N ALA A 483 -15.28 6.42 2.09
CA ALA A 483 -13.95 5.99 1.71
C ALA A 483 -13.90 4.47 1.49
N THR A 484 -12.77 3.99 0.98
CA THR A 484 -12.49 2.57 0.86
C THR A 484 -11.36 2.07 1.75
N GLY A 485 -10.48 2.97 2.22
CA GLY A 485 -9.33 2.58 3.01
C GLY A 485 -8.10 2.23 2.20
N HIS A 486 -8.24 2.05 0.89
CA HIS A 486 -7.09 1.85 0.00
C HIS A 486 -6.66 3.19 -0.55
N PRO A 487 -5.36 3.53 -0.49
CA PRO A 487 -4.93 4.91 -0.79
C PRO A 487 -5.12 5.33 -2.24
N VAL A 488 -4.77 4.49 -3.21
CA VAL A 488 -4.91 4.82 -4.62
C VAL A 488 -6.37 4.97 -5.00
N VAL A 489 -7.21 4.04 -4.53
CA VAL A 489 -8.63 4.06 -4.81
C VAL A 489 -9.28 5.27 -4.17
N ASP A 490 -8.84 5.65 -2.97
CA ASP A 490 -9.41 6.82 -2.30
C ASP A 490 -9.01 8.12 -2.99
N ARG A 491 -7.78 8.20 -3.51
CA ARG A 491 -7.37 9.40 -4.26
C ARG A 491 -8.16 9.55 -5.55
N ASN A 492 -8.24 8.46 -6.34
CA ASN A 492 -9.04 8.48 -7.57
C ASN A 492 -10.51 8.73 -7.27
N LEU A 493 -11.00 8.20 -6.16
CA LEU A 493 -12.39 8.35 -5.75
C LEU A 493 -12.70 9.78 -5.35
N ALA A 494 -11.80 10.43 -4.61
CA ALA A 494 -12.00 11.80 -4.18
C ALA A 494 -11.98 12.76 -5.37
N ILE A 495 -11.03 12.56 -6.29
CA ILE A 495 -10.97 13.39 -7.49
C ILE A 495 -12.20 13.18 -8.37
N LEU A 496 -12.63 11.92 -8.52
CA LEU A 496 -13.81 11.58 -9.30
C LEU A 496 -15.06 12.19 -8.70
N ARG A 497 -15.22 12.12 -7.38
CA ARG A 497 -16.44 12.63 -6.75
C ARG A 497 -16.47 14.16 -6.74
N LYS A 498 -15.31 14.83 -6.66
CA LYS A 498 -15.30 16.27 -6.83
C LYS A 498 -15.68 16.68 -8.25
N PHE A 499 -15.12 15.99 -9.26
CA PHE A 499 -15.46 16.28 -10.66
C PHE A 499 -16.94 16.03 -10.92
N LEU A 500 -17.48 14.94 -10.38
CA LEU A 500 -18.86 14.57 -10.64
C LEU A 500 -19.84 15.50 -9.93
N SER A 501 -19.50 15.92 -8.70
CA SER A 501 -20.33 16.92 -8.01
C SER A 501 -20.34 18.24 -8.75
N SER A 502 -19.16 18.71 -9.19
CA SER A 502 -19.07 19.98 -9.91
C SER A 502 -19.78 19.92 -11.25
N ALA A 503 -19.63 18.80 -11.97
CA ALA A 503 -20.29 18.63 -13.26
C ALA A 503 -21.81 18.49 -13.10
N THR A 504 -22.27 17.90 -11.99
CA THR A 504 -23.70 17.81 -11.76
C THR A 504 -24.29 19.16 -11.43
N MET A 505 -23.57 19.98 -10.64
CA MET A 505 -24.02 21.35 -10.40
C MET A 505 -23.92 22.22 -11.64
N ARG A 506 -23.03 21.89 -12.57
CA ARG A 506 -22.90 22.71 -13.77
C ARG A 506 -23.95 22.35 -14.82
N TRP A 507 -23.94 21.11 -15.31
CA TRP A 507 -24.80 20.71 -16.42
C TRP A 507 -25.77 19.58 -16.05
N GLY A 508 -26.14 19.45 -14.77
CA GLY A 508 -27.03 18.39 -14.37
C GLY A 508 -26.36 17.04 -14.33
N PRO A 509 -27.11 15.99 -13.96
CA PRO A 509 -26.53 14.65 -13.93
C PRO A 509 -26.22 14.16 -15.33
N PRO A 510 -25.21 13.29 -15.48
CA PRO A 510 -24.87 12.77 -16.81
C PRO A 510 -25.93 11.81 -17.32
N GLN A 511 -25.97 11.68 -18.64
CA GLN A 511 -26.81 10.66 -19.27
C GLN A 511 -26.22 9.27 -19.11
N SER A 512 -24.89 9.16 -19.16
CA SER A 512 -24.21 7.88 -18.93
C SER A 512 -22.82 8.16 -18.37
N ILE A 513 -22.24 7.14 -17.76
CA ILE A 513 -20.93 7.21 -17.12
C ILE A 513 -20.11 6.04 -17.63
N VAL A 514 -18.97 6.34 -18.25
CA VAL A 514 -18.06 5.33 -18.78
C VAL A 514 -16.71 5.48 -18.09
N VAL A 515 -16.20 4.35 -17.57
CA VAL A 515 -14.96 4.30 -16.82
C VAL A 515 -14.11 3.19 -17.43
N GLU A 516 -12.79 3.37 -17.47
CA GLU A 516 -11.91 2.23 -17.66
C GLU A 516 -10.66 2.40 -16.81
N LEU A 517 -10.25 1.33 -16.16
CA LEU A 517 -9.02 1.29 -15.39
C LEU A 517 -7.90 0.70 -16.25
N ALA A 518 -6.68 1.18 -16.04
CA ALA A 518 -5.54 0.79 -16.85
C ALA A 518 -4.48 0.23 -15.90
N ARG A 519 -4.65 -1.05 -15.55
CA ARG A 519 -3.73 -1.89 -14.78
C ARG A 519 -3.45 -1.22 -13.42
N GLY A 520 -2.29 -1.52 -12.84
CA GLY A 520 -1.75 -0.83 -11.69
C GLY A 520 -2.56 -0.72 -10.41
N ALA A 521 -3.07 -1.84 -9.90
CA ALA A 521 -3.87 -1.79 -8.68
C ALA A 521 -3.79 -3.13 -7.98
N SER A 522 -4.02 -3.08 -6.65
CA SER A 522 -4.02 -4.25 -5.76
C SER A 522 -2.71 -5.06 -5.78
N GLU A 523 -1.54 -4.36 -5.73
CA GLU A 523 -0.25 -5.06 -5.68
C GLU A 523 0.79 -4.41 -4.78
N SER A 524 0.48 -3.30 -4.07
CA SER A 524 1.33 -2.51 -3.12
C SER A 524 2.29 -1.55 -3.82
N ARG A 525 2.22 -1.44 -5.14
CA ARG A 525 3.32 -1.31 -6.10
C ARG A 525 4.55 -2.17 -5.78
N GLU A 526 4.30 -3.46 -5.61
CA GLU A 526 5.42 -4.40 -5.56
C GLU A 526 5.74 -4.72 -7.01
N ARG A 527 4.75 -5.31 -7.69
CA ARG A 527 4.72 -5.58 -9.12
C ARG A 527 5.17 -4.40 -10.00
N GLN A 528 5.19 -3.15 -9.51
CA GLN A 528 5.88 -2.07 -10.22
C GLN A 528 7.37 -2.35 -10.32
N ALA A 529 7.99 -2.70 -9.18
CA ALA A 529 9.40 -3.04 -9.16
C ALA A 529 9.63 -4.32 -9.95
N GLU A 530 8.70 -5.27 -9.84
CA GLU A 530 8.84 -6.51 -10.59
C GLU A 530 8.63 -6.30 -12.10
N GLU A 531 7.73 -5.38 -12.47
CA GLU A 531 7.53 -5.02 -13.87
C GLU A 531 8.75 -4.34 -14.47
N GLU A 532 9.37 -3.41 -13.74
CA GLU A 532 10.53 -2.73 -14.31
C GLU A 532 11.72 -3.68 -14.39
N ALA A 533 11.95 -4.49 -13.35
CA ALA A 533 13.03 -5.46 -13.41
C ALA A 533 12.72 -6.64 -14.32
N ALA A 534 11.46 -6.78 -14.77
CA ALA A 534 11.10 -7.80 -15.75
C ALA A 534 11.17 -7.29 -17.18
N ARG A 535 10.75 -6.04 -17.44
CA ARG A 535 10.97 -5.47 -18.76
C ARG A 535 12.45 -5.21 -19.01
N ARG A 536 13.24 -5.06 -17.94
CA ARG A 536 14.69 -5.02 -18.07
C ARG A 536 15.21 -6.29 -18.73
N ALA A 537 14.79 -7.46 -18.23
CA ALA A 537 15.17 -8.72 -18.85
C ALA A 537 14.50 -8.93 -20.20
N HIS A 538 13.25 -8.47 -20.32
CA HIS A 538 12.48 -8.63 -21.56
C HIS A 538 13.11 -7.87 -22.72
N ARG A 539 13.68 -6.71 -22.44
CA ARG A 539 14.30 -5.87 -23.45
C ARG A 539 15.82 -5.97 -23.50
N LYS A 540 16.44 -6.81 -22.66
CA LYS A 540 17.88 -7.07 -22.74
C LYS A 540 18.18 -8.44 -23.33
N ALA A 541 17.50 -9.48 -22.85
CA ALA A 541 17.70 -10.82 -23.40
C ALA A 541 17.13 -10.95 -24.80
N ASN A 542 16.18 -10.09 -25.18
CA ASN A 542 15.70 -10.07 -26.55
C ASN A 542 16.77 -9.53 -27.50
N ASP A 543 17.66 -8.67 -27.00
CA ASP A 543 18.70 -8.09 -27.84
C ASP A 543 19.72 -9.13 -28.29
N ARG A 544 19.99 -10.13 -27.46
CA ARG A 544 20.89 -11.22 -27.85
C ARG A 544 20.34 -11.99 -29.04
N ILE A 545 19.08 -12.43 -28.95
CA ILE A 545 18.46 -13.19 -30.03
C ILE A 545 18.01 -12.30 -31.18
N ARG A 546 18.08 -10.97 -31.01
CA ARG A 546 17.92 -10.04 -32.11
C ARG A 546 19.22 -9.90 -32.89
N ALA A 547 20.31 -9.58 -32.19
CA ALA A 547 21.59 -9.29 -32.82
C ALA A 547 22.21 -10.54 -33.43
N GLU A 548 22.10 -11.70 -32.77
CA GLU A 548 22.71 -12.90 -33.31
C GLU A 548 21.97 -13.40 -34.55
N LEU A 549 20.65 -13.20 -34.61
CA LEU A 549 19.92 -13.54 -35.83
C LEU A 549 20.14 -12.49 -36.91
N ARG A 550 20.37 -11.23 -36.54
CA ARG A 550 20.76 -10.24 -37.55
C ARG A 550 22.14 -10.55 -38.12
N ALA A 551 23.04 -11.09 -37.29
CA ALA A 551 24.33 -11.57 -37.77
C ALA A 551 24.17 -12.80 -38.65
N SER A 552 23.12 -13.60 -38.39
CA SER A 552 22.82 -14.73 -39.26
C SER A 552 22.32 -14.24 -40.61
N GLY A 553 21.51 -13.19 -40.63
CA GLY A 553 21.02 -12.65 -41.89
C GLY A 553 19.55 -12.30 -41.98
N LEU A 554 18.84 -12.34 -40.85
CA LEU A 554 17.41 -12.05 -40.85
C LEU A 554 17.16 -10.58 -41.18
N SER A 555 16.22 -10.33 -42.09
CA SER A 555 15.86 -8.97 -42.48
C SER A 555 14.39 -8.65 -42.26
N ASP A 556 13.60 -9.62 -41.79
CA ASP A 556 12.18 -9.44 -41.52
C ASP A 556 11.93 -9.79 -40.05
N PRO A 557 12.07 -8.83 -39.15
CA PRO A 557 11.96 -9.13 -37.71
C PRO A 557 10.52 -9.44 -37.31
N SER A 558 10.33 -10.59 -36.67
CA SER A 558 9.07 -11.05 -36.14
C SER A 558 9.27 -11.57 -34.73
N PRO A 559 8.26 -11.44 -33.86
CA PRO A 559 8.41 -11.98 -32.49
C PRO A 559 8.50 -13.50 -32.43
N ALA A 560 7.95 -14.20 -33.43
CA ALA A 560 7.98 -15.67 -33.42
C ALA A 560 9.40 -16.20 -33.56
N ASP A 561 10.23 -15.53 -34.36
CA ASP A 561 11.63 -15.91 -34.51
C ASP A 561 12.38 -15.73 -33.20
N LEU A 562 12.08 -14.65 -32.47
CA LEU A 562 12.70 -14.44 -31.16
C LEU A 562 12.23 -15.49 -30.15
N VAL A 563 10.96 -15.89 -30.21
CA VAL A 563 10.44 -16.89 -29.30
C VAL A 563 11.09 -18.25 -29.54
N ARG A 564 11.16 -18.68 -30.81
CA ARG A 564 11.81 -19.96 -31.12
C ARG A 564 13.32 -19.89 -30.86
N ALA A 565 13.93 -18.71 -31.01
CA ALA A 565 15.34 -18.55 -30.69
C ALA A 565 15.58 -18.70 -29.19
N ARG A 566 14.68 -18.15 -28.36
CA ARG A 566 14.77 -18.34 -26.92
C ARG A 566 14.58 -19.80 -26.53
N LEU A 567 13.62 -20.49 -27.17
CA LEU A 567 13.40 -21.90 -26.87
C LEU A 567 14.60 -22.76 -27.27
N LEU A 568 15.24 -22.44 -28.40
CA LEU A 568 16.48 -23.12 -28.76
C LEU A 568 17.61 -22.79 -27.79
N GLU A 569 17.65 -21.55 -27.31
CA GLU A 569 18.71 -21.13 -26.38
C GLU A 569 18.61 -21.86 -25.05
N LEU A 570 17.40 -22.03 -24.53
CA LEU A 570 17.25 -22.73 -23.26
C LEU A 570 17.32 -24.24 -23.43
N TYR A 571 16.50 -24.80 -24.33
CA TYR A 571 16.41 -26.25 -24.47
C TYR A 571 17.58 -26.87 -25.22
N ASP A 572 18.51 -26.05 -25.75
CA ASP A 572 19.71 -26.49 -26.46
C ASP A 572 19.37 -27.35 -27.68
N CYS A 573 18.25 -27.01 -28.35
CA CYS A 573 17.78 -27.61 -29.60
C CYS A 573 17.57 -29.11 -29.46
N HIS A 574 16.59 -29.47 -28.63
CA HIS A 574 16.32 -30.87 -28.31
C HIS A 574 14.83 -31.20 -28.44
N CYS A 575 14.50 -32.01 -29.44
CA CYS A 575 13.37 -32.93 -29.31
C CYS A 575 13.68 -33.91 -28.20
N MET A 576 13.12 -33.66 -27.02
CA MET A 576 13.46 -34.47 -25.85
C MET A 576 12.83 -35.85 -25.91
N TYR A 577 11.69 -35.99 -26.58
CA TYR A 577 11.02 -37.28 -26.69
C TYR A 577 11.66 -38.17 -27.76
N CYS A 578 11.89 -37.63 -28.95
CA CYS A 578 12.31 -38.41 -30.11
C CYS A 578 13.82 -38.50 -30.27
N GLY A 579 14.59 -37.85 -29.39
CA GLY A 579 16.02 -37.72 -29.64
C GLY A 579 16.24 -36.77 -30.80
N ALA A 580 17.10 -37.18 -31.76
CA ALA A 580 17.30 -36.54 -33.06
C ALA A 580 17.63 -35.04 -32.98
N PRO A 581 18.88 -34.68 -32.65
CA PRO A 581 19.24 -33.25 -32.45
C PRO A 581 18.91 -32.36 -33.64
N ILE A 582 18.28 -31.23 -33.36
CA ILE A 582 17.66 -30.37 -34.36
C ILE A 582 18.42 -29.06 -34.51
N SER A 583 17.98 -28.23 -35.46
CA SER A 583 18.63 -26.97 -35.77
C SER A 583 17.60 -25.85 -35.88
N TRP A 584 18.02 -24.71 -36.45
CA TRP A 584 17.10 -23.59 -36.65
C TRP A 584 15.97 -23.94 -37.61
N GLU A 585 16.28 -24.66 -38.70
CA GLU A 585 15.24 -25.03 -39.65
C GLU A 585 14.32 -26.12 -39.10
N ASN A 586 14.83 -26.99 -38.22
CA ASN A 586 14.05 -28.05 -37.61
C ASN A 586 13.50 -27.63 -36.26
N SER A 587 12.80 -26.49 -36.21
CA SER A 587 12.28 -26.00 -34.95
C SER A 587 10.87 -26.52 -34.67
N GLU A 588 9.91 -26.17 -35.53
CA GLU A 588 8.51 -26.63 -35.49
C GLU A 588 7.86 -26.30 -34.15
N LEU A 589 7.66 -24.99 -33.94
CA LEU A 589 7.03 -24.41 -32.75
C LEU A 589 5.68 -25.04 -32.44
N ASP A 590 5.58 -25.76 -31.33
CA ASP A 590 4.44 -26.64 -31.08
C ASP A 590 3.59 -26.09 -29.95
N HIS A 591 2.37 -25.67 -30.27
CA HIS A 591 1.41 -25.22 -29.27
C HIS A 591 0.84 -26.45 -28.58
N ILE A 592 1.13 -26.58 -27.28
CA ILE A 592 0.68 -27.74 -26.51
C ILE A 592 -0.85 -27.76 -26.41
N VAL A 593 -1.46 -26.62 -26.15
CA VAL A 593 -2.91 -26.49 -26.09
C VAL A 593 -3.38 -25.82 -27.38
N PRO A 594 -4.08 -26.51 -28.26
CA PRO A 594 -4.68 -25.84 -29.43
C PRO A 594 -5.81 -24.91 -29.03
N ARG A 595 -6.01 -23.87 -29.85
CA ARG A 595 -7.06 -22.90 -29.59
C ARG A 595 -8.44 -23.42 -29.94
N THR A 596 -8.52 -24.59 -30.57
CA THR A 596 -9.78 -25.31 -30.72
C THR A 596 -10.19 -26.04 -29.45
N ASP A 597 -9.32 -26.08 -28.44
CA ASP A 597 -9.64 -26.66 -27.15
C ASP A 597 -9.52 -25.66 -26.01
N GLY A 598 -9.57 -24.36 -26.32
CA GLY A 598 -9.58 -23.35 -25.28
C GLY A 598 -8.20 -22.90 -24.82
N GLY A 599 -7.41 -22.35 -25.73
CA GLY A 599 -6.09 -21.87 -25.37
C GLY A 599 -5.82 -20.45 -25.80
N SER A 600 -4.55 -20.04 -25.74
CA SER A 600 -4.14 -18.71 -26.18
C SER A 600 -2.67 -18.75 -26.54
N ASN A 601 -2.23 -17.73 -27.28
CA ASN A 601 -0.84 -17.64 -27.75
C ASN A 601 0.02 -17.09 -26.62
N ARG A 602 0.45 -17.99 -25.74
CA ARG A 602 1.36 -17.66 -24.66
C ARG A 602 2.66 -18.42 -24.85
N HIS A 603 3.73 -17.92 -24.22
CA HIS A 603 5.03 -18.56 -24.33
C HIS A 603 5.11 -19.83 -23.48
N GLU A 604 4.18 -20.04 -22.54
CA GLU A 604 4.10 -21.31 -21.84
C GLU A 604 3.67 -22.44 -22.77
N ASN A 605 2.79 -22.13 -23.73
CA ASN A 605 2.15 -23.14 -24.57
C ASN A 605 3.07 -23.72 -25.63
N LEU A 606 4.25 -23.16 -25.83
CA LEU A 606 5.10 -23.56 -26.94
C LEU A 606 6.20 -24.51 -26.45
N ALA A 607 6.40 -25.58 -27.21
CA ALA A 607 7.49 -26.52 -26.99
C ALA A 607 8.16 -26.85 -28.32
N ILE A 608 9.48 -26.92 -28.29
CA ILE A 608 10.28 -27.19 -29.48
C ILE A 608 10.19 -28.67 -29.81
N THR A 609 10.14 -29.00 -31.09
CA THR A 609 9.88 -30.38 -31.53
C THR A 609 10.83 -30.76 -32.67
N CYS A 610 10.65 -31.99 -33.17
CA CYS A 610 11.57 -32.58 -34.12
C CYS A 610 10.87 -33.09 -35.39
N GLY A 611 9.62 -32.70 -35.63
CA GLY A 611 8.88 -33.22 -36.76
C GLY A 611 8.12 -34.48 -36.44
N ALA A 612 8.86 -35.55 -36.11
CA ALA A 612 8.23 -36.77 -35.62
C ALA A 612 7.56 -36.55 -34.27
N CYS A 613 8.19 -35.77 -33.39
CA CYS A 613 7.61 -35.42 -32.10
C CYS A 613 6.71 -34.19 -32.18
N ASN A 614 6.25 -33.80 -33.37
CA ASN A 614 5.51 -32.57 -33.56
C ASN A 614 4.05 -32.80 -33.93
N LYS A 615 3.77 -33.51 -35.02
CA LYS A 615 2.42 -33.61 -35.55
C LYS A 615 1.60 -34.74 -34.96
N GLU A 616 2.23 -35.64 -34.20
CA GLU A 616 1.55 -36.83 -33.71
C GLU A 616 0.60 -36.56 -32.54
N LYS A 617 0.60 -35.33 -32.00
CA LYS A 617 -0.31 -35.00 -30.91
C LYS A 617 -1.78 -35.07 -31.34
N GLY A 618 -2.09 -34.45 -32.48
CA GLY A 618 -3.42 -34.58 -33.08
C GLY A 618 -4.56 -34.02 -32.27
N ARG A 619 -4.37 -32.83 -31.67
CA ARG A 619 -5.31 -32.04 -30.86
C ARG A 619 -5.62 -32.70 -29.51
N ARG A 620 -5.10 -33.91 -29.28
CA ARG A 620 -5.29 -34.61 -28.02
C ARG A 620 -4.44 -33.97 -26.93
N PRO A 621 -4.79 -34.18 -25.65
CA PRO A 621 -3.95 -33.71 -24.55
C PRO A 621 -2.53 -34.25 -24.64
N PHE A 622 -1.57 -33.33 -24.73
CA PHE A 622 -0.17 -33.66 -24.93
C PHE A 622 0.40 -34.38 -23.71
N ALA A 623 1.34 -35.30 -23.98
CA ALA A 623 1.93 -36.23 -23.00
C ALA A 623 0.89 -37.12 -22.34
N SER A 624 -0.21 -37.38 -23.02
CA SER A 624 -1.21 -38.37 -22.63
C SER A 624 -1.51 -39.36 -23.75
N TRP A 625 -1.60 -38.89 -25.00
CA TRP A 625 -1.61 -39.81 -26.13
C TRP A 625 -0.24 -40.43 -26.32
N ALA A 626 0.82 -39.65 -26.08
CA ALA A 626 2.19 -40.13 -26.25
C ALA A 626 2.51 -41.25 -25.26
N GLU A 627 2.11 -41.09 -24.00
CA GLU A 627 2.33 -42.15 -23.02
C GLU A 627 1.44 -43.36 -23.28
N THR A 628 0.31 -43.19 -23.97
CA THR A 628 -0.54 -44.32 -24.36
C THR A 628 -0.19 -44.73 -25.79
N SER A 629 1.09 -45.06 -25.97
CA SER A 629 1.68 -45.44 -27.25
C SER A 629 3.08 -46.00 -26.95
N ASN A 630 3.83 -46.30 -28.01
CA ASN A 630 5.20 -46.73 -27.90
C ASN A 630 6.15 -45.56 -28.15
N ARG A 631 7.45 -45.82 -27.92
CA ARG A 631 8.61 -44.99 -28.27
C ARG A 631 8.74 -43.75 -27.36
N VAL A 632 7.75 -43.48 -26.52
CA VAL A 632 7.69 -42.22 -25.79
C VAL A 632 6.83 -42.36 -24.52
N GLN A 633 7.35 -41.83 -23.40
CA GLN A 633 6.68 -41.88 -22.11
C GLN A 633 6.98 -40.61 -21.34
N LEU A 634 6.13 -40.33 -20.35
CA LEU A 634 6.26 -39.21 -19.43
C LEU A 634 7.14 -39.64 -18.25
N ARG A 635 7.12 -38.86 -17.15
CA ARG A 635 7.62 -39.07 -15.78
C ARG A 635 9.13 -38.75 -15.68
N ASP A 636 9.79 -38.42 -16.78
CA ASP A 636 11.22 -38.10 -16.76
C ASP A 636 11.49 -36.65 -17.09
N VAL A 637 10.88 -36.15 -18.17
CA VAL A 637 11.15 -34.80 -18.65
C VAL A 637 10.60 -33.78 -17.66
N ILE A 638 9.46 -34.08 -17.03
CA ILE A 638 8.89 -33.19 -16.04
C ILE A 638 9.80 -33.11 -14.80
N ASP A 639 10.43 -34.22 -14.42
CA ASP A 639 11.43 -34.19 -13.36
C ASP A 639 12.65 -33.36 -13.76
N ARG A 640 13.04 -33.42 -15.03
CA ARG A 640 14.14 -32.59 -15.52
C ARG A 640 13.79 -31.11 -15.46
N VAL A 641 12.53 -30.77 -15.78
CA VAL A 641 12.06 -29.38 -15.61
C VAL A 641 12.01 -29.01 -14.13
N GLN A 642 11.72 -29.99 -13.26
CA GLN A 642 11.70 -29.73 -11.82
C GLN A 642 13.07 -29.35 -11.29
N LYS A 643 14.12 -30.02 -11.78
CA LYS A 643 15.47 -29.73 -11.32
C LYS A 643 16.20 -28.72 -12.21
N LEU A 644 15.46 -27.85 -12.88
CA LEU A 644 16.04 -26.87 -13.80
C LEU A 644 16.81 -25.80 -13.05
N LYS A 645 18.11 -25.69 -13.33
CA LYS A 645 18.92 -24.62 -12.76
C LYS A 645 18.59 -23.31 -13.45
N TYR A 646 18.58 -22.22 -12.67
CA TYR A 646 18.29 -20.90 -13.19
C TYR A 646 19.52 -20.31 -13.89
N SER A 647 19.36 -19.94 -15.15
CA SER A 647 20.38 -19.19 -15.86
C SER A 647 20.26 -17.71 -15.52
N GLY A 648 21.39 -17.07 -15.20
CA GLY A 648 21.38 -15.68 -14.82
C GLY A 648 21.16 -14.69 -15.95
N ASN A 649 21.28 -15.14 -17.21
CA ASN A 649 21.15 -14.26 -18.37
C ASN A 649 20.12 -14.80 -19.39
N MET A 650 18.86 -14.54 -19.12
CA MET A 650 17.76 -14.99 -19.98
C MET A 650 16.51 -14.20 -19.63
N TYR A 651 15.43 -14.50 -20.36
CA TYR A 651 14.19 -13.71 -20.31
C TYR A 651 13.52 -13.80 -18.95
N TRP A 652 13.32 -15.01 -18.45
CA TRP A 652 12.50 -15.23 -17.26
C TRP A 652 13.32 -15.03 -15.98
N THR A 653 12.79 -14.24 -15.06
CA THR A 653 13.45 -13.95 -13.79
C THR A 653 13.16 -15.05 -12.77
N ARG A 654 13.70 -14.88 -11.56
CA ARG A 654 13.60 -15.91 -10.52
C ARG A 654 12.18 -16.06 -10.02
N ASP A 655 11.44 -14.95 -9.91
CA ASP A 655 10.08 -15.01 -9.40
C ASP A 655 9.13 -15.66 -10.41
N GLU A 656 9.35 -15.42 -11.70
CA GLU A 656 8.57 -16.09 -12.72
C GLU A 656 9.09 -17.49 -13.05
N PHE A 657 10.27 -17.86 -12.52
CA PHE A 657 10.91 -19.13 -12.88
C PHE A 657 10.11 -20.32 -12.37
N SER A 658 9.90 -20.40 -11.06
CA SER A 658 9.17 -21.52 -10.46
C SER A 658 7.71 -21.54 -10.91
N ARG A 659 7.11 -20.36 -11.08
CA ARG A 659 5.74 -20.25 -11.54
C ARG A 659 5.59 -20.80 -12.97
N TYR A 660 6.54 -20.45 -13.85
CA TYR A 660 6.54 -20.96 -15.22
C TYR A 660 6.75 -22.46 -15.23
N LYS A 661 7.68 -22.96 -14.41
CA LYS A 661 7.99 -24.39 -14.40
C LYS A 661 6.80 -25.21 -13.90
N LYS A 662 6.15 -24.75 -12.82
CA LYS A 662 4.98 -25.48 -12.32
C LYS A 662 3.77 -25.31 -13.22
N SER A 663 3.67 -24.19 -13.96
CA SER A 663 2.57 -24.05 -14.92
C SER A 663 2.76 -24.97 -16.12
N VAL A 664 4.00 -25.11 -16.59
CA VAL A 664 4.31 -26.07 -17.65
C VAL A 664 4.02 -27.50 -17.20
N VAL A 665 4.39 -27.84 -15.96
CA VAL A 665 4.10 -29.19 -15.44
C VAL A 665 2.59 -29.40 -15.30
N ALA A 666 1.87 -28.39 -14.80
CA ALA A 666 0.43 -28.48 -14.57
C ALA A 666 -0.37 -28.53 -15.87
N ARG A 667 0.18 -28.01 -16.97
CA ARG A 667 -0.47 -28.17 -18.26
C ARG A 667 0.05 -29.35 -19.05
N LEU A 668 1.20 -29.92 -18.67
CA LEU A 668 1.67 -31.15 -19.29
C LEU A 668 0.93 -32.36 -18.75
N LYS A 669 0.59 -32.35 -17.45
CA LYS A 669 -0.02 -33.50 -16.80
C LYS A 669 -1.53 -33.54 -16.95
N ARG A 670 -2.10 -32.80 -17.90
CA ARG A 670 -3.55 -32.78 -18.04
C ARG A 670 -4.05 -34.10 -18.64
N ARG A 671 -5.08 -34.66 -18.02
CA ARG A 671 -5.69 -35.90 -18.49
C ARG A 671 -7.10 -35.69 -19.01
N THR A 672 -7.52 -34.44 -19.16
CA THR A 672 -8.87 -34.11 -19.61
C THR A 672 -8.78 -32.79 -20.39
N SER A 673 -9.95 -32.21 -20.67
CA SER A 673 -9.99 -30.95 -21.40
C SER A 673 -9.52 -29.80 -20.51
N ASP A 674 -9.19 -28.68 -21.14
CA ASP A 674 -8.88 -27.43 -20.44
C ASP A 674 -9.67 -26.29 -21.09
N PRO A 675 -10.95 -26.14 -20.75
CA PRO A 675 -11.75 -25.06 -21.33
C PRO A 675 -11.37 -23.72 -20.73
N GLU A 676 -11.66 -22.63 -21.45
CA GLU A 676 -12.21 -22.36 -22.79
C GLU A 676 -11.63 -21.04 -23.34
N VAL A 677 -12.27 -20.44 -24.33
CA VAL A 677 -11.70 -19.34 -25.11
C VAL A 677 -12.01 -17.98 -24.47
N ILE A 678 -12.26 -18.00 -23.16
CA ILE A 678 -12.72 -16.92 -22.27
C ILE A 678 -12.10 -15.55 -22.54
N GLN A 679 -12.94 -14.52 -22.51
CA GLN A 679 -12.56 -13.12 -22.64
C GLN A 679 -13.09 -12.40 -21.41
N SER A 680 -12.41 -11.32 -21.01
CA SER A 680 -12.66 -10.63 -19.75
C SER A 680 -14.07 -10.04 -19.70
N ILE A 681 -14.71 -10.16 -18.53
CA ILE A 681 -16.14 -9.95 -18.38
C ILE A 681 -16.46 -8.75 -17.48
N GLU A 682 -15.61 -7.73 -17.52
CA GLU A 682 -15.87 -6.31 -17.20
C GLU A 682 -15.84 -6.06 -15.69
N SER A 683 -15.47 -7.05 -14.88
CA SER A 683 -15.32 -6.82 -13.44
C SER A 683 -14.23 -7.74 -12.91
N THR A 684 -13.05 -7.19 -12.61
CA THR A 684 -11.93 -8.00 -12.14
C THR A 684 -11.18 -7.47 -10.93
N GLY A 685 -11.33 -6.18 -10.57
CA GLY A 685 -10.46 -5.58 -9.58
C GLY A 685 -11.22 -4.95 -8.43
N TYR A 686 -10.45 -4.58 -7.40
CA TYR A 686 -11.01 -3.91 -6.22
C TYR A 686 -11.46 -2.51 -6.56
N ALA A 687 -10.61 -1.75 -7.25
CA ALA A 687 -10.92 -0.36 -7.54
C ALA A 687 -12.06 -0.27 -8.54
N ALA A 688 -12.09 -1.20 -9.50
CA ALA A 688 -13.20 -1.28 -10.46
C ALA A 688 -14.51 -1.59 -9.76
N VAL A 689 -14.51 -2.55 -8.83
CA VAL A 689 -15.74 -2.91 -8.11
C VAL A 689 -16.21 -1.74 -7.23
N ALA A 690 -15.28 -1.12 -6.49
CA ALA A 690 -15.64 -0.04 -5.57
C ALA A 690 -16.15 1.19 -6.32
N LEU A 691 -15.44 1.62 -7.37
CA LEU A 691 -15.86 2.76 -8.16
C LEU A 691 -17.17 2.47 -8.89
N ARG A 692 -17.35 1.24 -9.40
CA ARG A 692 -18.60 0.87 -10.06
C ARG A 692 -19.78 0.95 -9.10
N ASP A 693 -19.61 0.42 -7.88
CA ASP A 693 -20.70 0.44 -6.89
C ASP A 693 -21.03 1.86 -6.46
N ARG A 694 -20.01 2.72 -6.31
CA ARG A 694 -20.28 4.09 -5.90
C ARG A 694 -20.93 4.90 -7.02
N LEU A 695 -20.53 4.65 -8.27
CA LEU A 695 -21.19 5.33 -9.39
C LEU A 695 -22.61 4.83 -9.60
N LEU A 696 -22.86 3.54 -9.34
CA LEU A 696 -24.24 3.04 -9.39
C LEU A 696 -25.08 3.66 -8.28
N SER A 697 -24.49 3.87 -7.09
CA SER A 697 -25.21 4.56 -6.02
C SER A 697 -25.55 5.99 -6.40
N TYR A 698 -24.57 6.71 -6.99
CA TYR A 698 -24.83 8.08 -7.44
C TYR A 698 -25.88 8.11 -8.55
N GLY A 699 -25.81 7.14 -9.47
CA GLY A 699 -26.75 7.09 -10.57
C GLY A 699 -28.16 6.75 -10.12
N GLU A 700 -28.30 5.85 -9.15
CA GLU A 700 -29.62 5.54 -8.64
C GLU A 700 -30.17 6.65 -7.75
N LYS A 701 -29.29 7.50 -7.19
CA LYS A 701 -29.79 8.68 -6.49
C LYS A 701 -30.00 9.90 -7.38
N ASN A 702 -29.51 9.90 -8.62
CA ASN A 702 -29.60 11.11 -9.44
C ASN A 702 -30.27 10.95 -10.81
N GLY A 703 -30.32 9.75 -11.38
CA GLY A 703 -30.98 9.51 -12.65
C GLY A 703 -30.07 9.12 -13.82
N VAL A 704 -28.87 8.61 -13.56
CA VAL A 704 -27.97 8.19 -14.63
C VAL A 704 -28.46 6.88 -15.22
N ALA A 705 -28.57 6.83 -16.56
CA ALA A 705 -29.25 5.72 -17.22
C ALA A 705 -28.42 4.44 -17.18
N GLN A 706 -27.11 4.52 -17.43
CA GLN A 706 -26.26 3.35 -17.27
C GLN A 706 -24.86 3.77 -16.82
N VAL A 707 -24.17 2.84 -16.19
CA VAL A 707 -22.79 3.03 -15.70
C VAL A 707 -21.99 1.79 -16.06
N ALA A 708 -20.87 1.97 -16.75
CA ALA A 708 -20.01 0.87 -17.17
C ALA A 708 -18.55 1.15 -16.80
N VAL A 709 -17.80 0.08 -16.55
CA VAL A 709 -16.41 0.17 -16.11
C VAL A 709 -15.62 -0.78 -17.01
N PHE A 710 -14.90 -0.23 -17.98
CA PHE A 710 -14.16 -1.01 -18.97
C PHE A 710 -12.72 -1.28 -18.49
N ARG A 711 -11.85 -1.71 -19.41
CA ARG A 711 -10.51 -2.18 -19.07
C ARG A 711 -9.51 -1.51 -20.01
N GLY A 712 -8.25 -1.91 -19.91
CA GLY A 712 -7.31 -1.80 -21.01
C GLY A 712 -6.62 -0.46 -21.10
N GLY A 713 -6.11 -0.15 -22.30
CA GLY A 713 -6.08 -1.04 -23.45
C GLY A 713 -7.16 -0.80 -24.49
N VAL A 714 -8.34 -0.41 -24.01
CA VAL A 714 -9.51 -0.26 -24.87
C VAL A 714 -9.50 1.10 -25.57
N THR A 715 -9.27 2.18 -24.80
CA THR A 715 -9.34 3.52 -25.37
C THR A 715 -8.17 3.81 -26.31
N ALA A 716 -7.04 3.11 -26.16
CA ALA A 716 -5.94 3.23 -27.11
C ALA A 716 -6.35 2.72 -28.48
N GLU A 717 -7.05 1.58 -28.52
CA GLU A 717 -7.53 1.06 -29.79
C GLU A 717 -8.68 1.89 -30.34
N ALA A 718 -9.50 2.47 -29.46
CA ALA A 718 -10.55 3.38 -29.92
C ALA A 718 -9.94 4.62 -30.59
N ARG A 719 -8.84 5.13 -30.03
CA ARG A 719 -8.12 6.23 -30.67
C ARG A 719 -7.45 5.78 -31.96
N ARG A 720 -6.94 4.54 -32.00
CA ARG A 720 -6.28 4.02 -33.20
C ARG A 720 -7.27 3.87 -34.36
N TRP A 721 -8.44 3.30 -34.09
CA TRP A 721 -9.45 3.15 -35.14
C TRP A 721 -10.26 4.41 -35.37
N LEU A 722 -10.12 5.40 -34.50
CA LEU A 722 -10.62 6.74 -34.77
C LEU A 722 -9.56 7.65 -35.38
N ASP A 723 -8.32 7.16 -35.48
CA ASP A 723 -7.15 7.89 -35.99
C ASP A 723 -6.96 9.20 -35.19
N ILE A 724 -6.74 9.02 -33.88
CA ILE A 724 -6.48 10.14 -32.97
C ILE A 724 -5.08 9.96 -32.42
N SER A 725 -4.19 10.90 -32.75
CA SER A 725 -2.82 10.88 -32.26
C SER A 725 -2.54 12.06 -31.34
N ILE A 726 -1.83 11.76 -30.24
CA ILE A 726 -1.51 12.74 -29.21
C ILE A 726 -0.55 13.79 -29.74
N GLU A 727 0.36 13.38 -30.63
CA GLU A 727 1.35 14.32 -31.18
C GLU A 727 0.70 15.29 -32.16
N ARG A 728 -0.28 14.81 -32.94
CA ARG A 728 -1.05 15.72 -33.78
C ARG A 728 -1.95 16.62 -32.94
N LEU A 729 -2.34 16.16 -31.74
CA LEU A 729 -3.13 17.01 -30.86
C LEU A 729 -2.29 18.16 -30.29
N PHE A 730 -1.16 17.83 -29.68
CA PHE A 730 -0.41 18.77 -28.85
C PHE A 730 0.88 19.26 -29.50
N SER A 731 1.14 18.91 -30.76
CA SER A 731 2.27 19.39 -31.57
C SER A 731 3.63 19.05 -30.93
N ARG A 732 3.69 17.93 -30.22
CA ARG A 732 4.91 17.53 -29.56
C ARG A 732 5.95 17.03 -30.57
N VAL A 733 7.22 17.26 -30.22
CA VAL A 733 8.33 16.74 -31.01
C VAL A 733 8.44 15.22 -30.84
N ALA A 734 9.20 14.61 -31.73
CA ALA A 734 9.40 13.16 -31.73
C ALA A 734 10.60 12.84 -30.85
N ILE A 735 10.33 12.25 -29.67
CA ILE A 735 11.39 11.96 -28.72
C ILE A 735 12.20 10.71 -29.10
N PHE A 736 11.60 9.77 -29.84
CA PHE A 736 12.33 8.62 -30.36
C PHE A 736 12.71 8.83 -31.81
N ALA A 737 13.82 8.21 -32.22
CA ALA A 737 14.23 8.26 -33.63
C ALA A 737 13.25 7.50 -34.52
N GLN A 738 12.93 6.26 -34.16
CA GLN A 738 11.93 5.49 -34.87
C GLN A 738 10.57 5.66 -34.19
N SER A 739 9.52 5.79 -35.02
CA SER A 739 8.14 6.08 -34.62
C SER A 739 8.07 7.43 -33.91
N THR A 740 7.04 7.64 -33.10
CA THR A 740 6.89 8.87 -32.33
C THR A 740 6.90 8.53 -30.85
N SER A 741 6.53 9.52 -30.04
CA SER A 741 6.39 9.31 -28.60
C SER A 741 5.18 8.45 -28.28
N THR A 742 5.14 7.96 -27.04
CA THR A 742 3.93 7.33 -26.54
C THR A 742 2.92 8.42 -26.14
N LYS A 743 1.72 7.97 -25.78
CA LYS A 743 0.77 8.88 -25.15
C LYS A 743 1.24 9.32 -23.77
N ARG A 744 2.01 8.47 -23.08
CA ARG A 744 2.38 8.71 -21.69
C ARG A 744 3.41 9.82 -21.53
N LEU A 745 3.91 10.37 -22.65
CA LEU A 745 4.74 11.56 -22.57
C LEU A 745 3.91 12.75 -22.09
N ASP A 746 2.73 12.94 -22.67
CA ASP A 746 1.89 14.07 -22.32
C ASP A 746 0.83 13.64 -21.30
N ARG A 747 0.74 14.37 -20.19
CA ARG A 747 -0.23 14.03 -19.15
C ARG A 747 -1.66 14.31 -19.60
N ARG A 748 -1.85 15.28 -20.51
CA ARG A 748 -3.16 15.62 -21.07
C ARG A 748 -3.82 14.44 -21.80
N HIS A 749 -3.02 13.46 -22.23
CA HIS A 749 -3.54 12.26 -22.88
C HIS A 749 -4.56 11.52 -22.03
N HIS A 750 -4.47 11.58 -20.70
CA HIS A 750 -5.47 10.95 -19.83
C HIS A 750 -6.86 11.53 -20.08
N ALA A 751 -6.97 12.87 -20.09
CA ALA A 751 -8.23 13.52 -20.40
C ALA A 751 -8.64 13.30 -21.85
N VAL A 752 -7.67 13.20 -22.76
CA VAL A 752 -7.95 12.85 -24.15
C VAL A 752 -8.59 11.47 -24.24
N ASP A 753 -8.02 10.50 -23.51
CA ASP A 753 -8.59 9.16 -23.43
C ASP A 753 -9.99 9.19 -22.86
N ALA A 754 -10.22 9.98 -21.80
CA ALA A 754 -11.54 10.08 -21.17
C ALA A 754 -12.58 10.64 -22.13
N VAL A 755 -12.17 11.63 -22.94
CA VAL A 755 -13.01 12.19 -23.99
C VAL A 755 -13.39 11.10 -24.98
N VAL A 756 -12.40 10.26 -25.34
CA VAL A 756 -12.67 9.14 -26.24
C VAL A 756 -13.57 8.09 -25.56
N LEU A 757 -13.41 7.88 -24.25
CA LEU A 757 -14.28 6.96 -23.51
C LEU A 757 -15.72 7.41 -23.42
N THR A 758 -16.00 8.71 -23.63
CA THR A 758 -17.41 9.10 -23.64
C THR A 758 -18.17 8.54 -24.85
N THR A 759 -17.48 8.10 -25.91
CA THR A 759 -18.12 7.63 -27.12
C THR A 759 -18.49 6.14 -27.11
N LEU A 760 -17.94 5.35 -26.19
CA LEU A 760 -18.09 3.90 -26.31
C LEU A 760 -19.25 3.35 -25.51
N THR A 761 -19.59 2.11 -25.85
CA THR A 761 -20.59 1.25 -25.22
C THR A 761 -19.92 -0.09 -24.99
N PRO A 762 -20.54 -0.98 -24.17
CA PRO A 762 -19.98 -2.34 -24.02
C PRO A 762 -19.91 -3.15 -25.31
N GLY A 763 -20.85 -2.96 -26.25
CA GLY A 763 -20.81 -3.75 -27.48
C GLY A 763 -19.64 -3.37 -28.36
N VAL A 764 -19.44 -2.06 -28.58
CA VAL A 764 -18.31 -1.62 -29.40
C VAL A 764 -17.00 -1.87 -28.67
N ALA A 765 -17.00 -1.85 -27.33
CA ALA A 765 -15.80 -2.19 -26.57
C ALA A 765 -15.47 -3.67 -26.72
N LYS A 766 -16.49 -4.54 -26.78
CA LYS A 766 -16.27 -5.95 -27.04
C LYS A 766 -15.71 -6.18 -28.45
N THR A 767 -16.22 -5.44 -29.44
CA THR A 767 -15.69 -5.57 -30.80
C THR A 767 -14.23 -5.09 -30.87
N LEU A 768 -13.90 -4.01 -30.15
CA LEU A 768 -12.52 -3.54 -30.11
C LEU A 768 -11.61 -4.52 -29.38
N ALA A 769 -12.10 -5.18 -28.33
CA ALA A 769 -11.30 -6.18 -27.64
C ALA A 769 -11.06 -7.41 -28.51
N ASP A 770 -12.07 -7.79 -29.29
CA ASP A 770 -11.89 -8.86 -30.29
C ASP A 770 -10.88 -8.45 -31.35
N ALA A 771 -10.91 -7.19 -31.77
CA ALA A 771 -9.94 -6.67 -32.73
C ALA A 771 -8.52 -6.70 -32.15
N ARG A 772 -8.39 -6.38 -30.85
CA ARG A 772 -7.10 -6.45 -30.19
C ARG A 772 -6.59 -7.88 -30.13
N SER A 773 -7.46 -8.83 -29.79
CA SER A 773 -7.02 -10.22 -29.67
C SER A 773 -6.62 -10.79 -31.03
N ARG A 774 -7.33 -10.41 -32.09
CA ARG A 774 -6.95 -10.91 -33.41
C ARG A 774 -5.73 -10.20 -33.97
N ARG A 775 -5.50 -8.93 -33.61
CA ARG A 775 -4.33 -8.24 -34.15
C ARG A 775 -3.06 -8.66 -33.43
N VAL A 776 -3.09 -8.74 -32.09
CA VAL A 776 -1.93 -9.21 -31.34
C VAL A 776 -1.71 -10.70 -31.53
N SER A 777 -2.77 -11.46 -31.88
CA SER A 777 -2.63 -12.88 -32.22
C SER A 777 -2.06 -13.04 -33.63
N ALA A 778 -0.79 -12.64 -33.77
CA ALA A 778 -0.09 -12.69 -35.06
C ALA A 778 1.41 -12.75 -34.85
N SER A 791 -4.93 -9.26 -39.33
CA SER A 791 -3.65 -8.71 -38.90
C SER A 791 -2.95 -7.98 -40.04
N THR A 792 -3.29 -6.71 -40.27
CA THR A 792 -4.30 -5.92 -39.57
C THR A 792 -5.68 -6.15 -40.14
N GLU A 793 -6.69 -6.20 -39.27
CA GLU A 793 -8.06 -6.48 -39.66
C GLU A 793 -8.97 -5.38 -39.11
N GLU A 794 -9.72 -4.75 -40.01
CA GLU A 794 -10.71 -3.77 -39.59
C GLU A 794 -11.88 -4.49 -38.92
N PRO A 795 -12.40 -3.94 -37.83
CA PRO A 795 -13.62 -4.51 -37.23
C PRO A 795 -14.83 -4.37 -38.16
N GLN A 796 -15.68 -5.38 -38.15
CA GLN A 796 -16.92 -5.38 -38.92
C GLN A 796 -18.07 -5.70 -37.99
N SER A 797 -18.95 -4.70 -37.79
CA SER A 797 -20.21 -4.81 -37.06
C SER A 797 -21.03 -3.55 -37.34
N PRO A 798 -22.36 -3.64 -37.39
CA PRO A 798 -23.17 -2.43 -37.55
C PRO A 798 -23.05 -1.46 -36.39
N ALA A 799 -22.87 -1.98 -35.17
CA ALA A 799 -22.64 -1.12 -34.02
C ALA A 799 -21.30 -0.39 -34.12
N TYR A 800 -20.26 -1.09 -34.59
CA TYR A 800 -18.95 -0.47 -34.76
C TYR A 800 -18.99 0.59 -35.84
N ARG A 801 -19.66 0.31 -36.97
CA ARG A 801 -19.74 1.28 -38.06
C ARG A 801 -20.57 2.50 -37.65
N GLN A 802 -21.66 2.27 -36.91
CA GLN A 802 -22.47 3.36 -36.36
C GLN A 802 -21.67 4.22 -35.40
N TRP A 803 -20.86 3.59 -34.54
CA TRP A 803 -20.01 4.32 -33.61
C TRP A 803 -18.97 5.15 -34.35
N LYS A 804 -18.37 4.57 -35.40
CA LYS A 804 -17.32 5.24 -36.16
C LYS A 804 -17.87 6.45 -36.92
N GLU A 805 -19.05 6.30 -37.55
CA GLU A 805 -19.56 7.46 -38.26
C GLU A 805 -20.26 8.46 -37.33
N SER A 806 -20.59 8.07 -36.10
CA SER A 806 -21.13 9.04 -35.16
C SER A 806 -20.03 9.94 -34.63
N CYS A 807 -18.91 9.36 -34.17
CA CYS A 807 -17.87 10.19 -33.55
C CYS A 807 -16.74 10.51 -34.53
N SER A 808 -17.09 10.76 -35.80
CA SER A 808 -16.11 11.15 -36.80
C SER A 808 -15.56 12.55 -36.53
N GLY A 809 -16.39 13.45 -36.04
CA GLY A 809 -15.99 14.82 -35.73
C GLY A 809 -15.32 15.00 -34.39
N LEU A 810 -15.22 13.91 -33.61
CA LEU A 810 -14.64 13.97 -32.27
C LEU A 810 -13.19 14.45 -32.33
N GLY A 811 -12.43 13.95 -33.30
CA GLY A 811 -11.05 14.40 -33.47
C GLY A 811 -10.94 15.88 -33.80
N ASP A 812 -11.90 16.41 -34.59
CA ASP A 812 -11.96 17.85 -34.86
C ASP A 812 -12.21 18.62 -33.56
N LEU A 813 -13.15 18.13 -32.74
CA LEU A 813 -13.38 18.69 -31.40
C LEU A 813 -12.11 18.67 -30.55
N LEU A 814 -11.38 17.55 -30.58
CA LEU A 814 -10.14 17.41 -29.82
C LEU A 814 -9.06 18.39 -30.29
N ILE A 815 -8.94 18.60 -31.60
CA ILE A 815 -8.02 19.61 -32.13
C ILE A 815 -8.41 21.00 -31.64
N SER A 816 -9.71 21.32 -31.74
CA SER A 816 -10.18 22.63 -31.30
C SER A 816 -10.18 22.80 -29.78
N THR A 817 -10.03 21.72 -29.02
CA THR A 817 -9.85 21.81 -27.58
C THR A 817 -8.38 21.90 -27.20
N ALA A 818 -7.51 21.24 -27.96
CA ALA A 818 -6.08 21.25 -27.68
C ALA A 818 -5.44 22.57 -28.10
N ALA A 819 -5.96 23.19 -29.16
CA ALA A 819 -5.39 24.44 -29.63
C ALA A 819 -5.80 25.61 -28.73
N ARG A 820 -6.93 25.51 -28.05
CA ARG A 820 -7.43 26.57 -27.17
C ARG A 820 -6.81 26.56 -25.79
N ASP A 821 -5.92 25.60 -25.50
CA ASP A 821 -5.32 25.37 -24.18
C ASP A 821 -6.42 25.15 -23.13
N SER A 822 -7.25 24.16 -23.39
CA SER A 822 -8.43 23.87 -22.57
C SER A 822 -8.31 22.61 -21.74
N ILE A 823 -7.52 21.64 -22.18
CA ILE A 823 -7.31 20.41 -21.43
C ILE A 823 -6.28 20.71 -20.35
N ALA A 824 -6.73 20.77 -19.10
CA ALA A 824 -5.84 21.14 -18.00
C ALA A 824 -5.16 19.91 -17.39
N VAL A 825 -4.02 20.16 -16.76
CA VAL A 825 -3.35 19.17 -15.91
C VAL A 825 -3.11 19.82 -14.56
N ALA A 826 -3.83 19.35 -13.55
CA ALA A 826 -3.74 19.92 -12.21
C ALA A 826 -3.31 18.87 -11.21
N ALA A 827 -2.60 19.33 -10.18
CA ALA A 827 -2.30 18.49 -9.04
C ALA A 827 -3.08 19.00 -7.83
N PRO A 828 -3.74 18.12 -7.08
CA PRO A 828 -4.48 18.54 -5.89
C PRO A 828 -3.56 19.07 -4.80
N LEU A 829 -4.01 20.12 -4.13
CA LEU A 829 -3.20 20.84 -3.15
C LEU A 829 -3.32 20.21 -1.77
N ARG A 830 -2.24 20.31 -1.00
CA ARG A 830 -2.22 19.82 0.38
C ARG A 830 -2.06 21.02 1.29
N LEU A 831 -3.16 21.44 1.91
CA LEU A 831 -3.17 22.66 2.71
C LEU A 831 -3.23 22.40 4.21
N ARG A 832 -3.51 21.17 4.64
CA ARG A 832 -3.60 20.88 6.07
C ARG A 832 -2.24 20.97 6.72
N PRO A 833 -2.13 21.60 7.88
CA PRO A 833 -0.83 21.68 8.58
C PRO A 833 -0.61 20.47 9.48
N THR A 834 -0.53 19.30 8.87
CA THR A 834 -0.46 18.03 9.58
C THR A 834 0.53 17.14 8.84
N GLY A 835 1.33 16.39 9.60
CA GLY A 835 2.37 15.57 9.04
C GLY A 835 3.55 15.54 9.99
N ALA A 836 4.68 15.09 9.47
CA ALA A 836 5.91 15.07 10.25
C ALA A 836 6.37 16.50 10.50
N LEU A 837 6.50 16.88 11.76
CA LEU A 837 6.87 18.25 12.09
C LEU A 837 8.35 18.50 11.90
N HIS A 838 9.19 17.50 12.15
CA HIS A 838 10.62 17.65 12.06
C HIS A 838 11.21 16.31 11.60
N GLU A 839 12.52 16.30 11.39
CA GLU A 839 13.18 15.07 11.03
C GLU A 839 13.38 14.20 12.26
N GLU A 840 13.54 12.89 12.02
CA GLU A 840 13.57 11.93 13.12
C GLU A 840 14.86 12.02 13.91
N THR A 841 15.99 12.26 13.24
CA THR A 841 17.30 12.21 13.88
C THR A 841 17.50 13.40 14.80
N LEU A 842 17.81 13.12 16.07
CA LEU A 842 18.21 14.14 17.02
C LEU A 842 19.71 14.36 16.92
N ARG A 843 20.13 15.61 17.08
CA ARG A 843 21.53 15.99 16.92
C ARG A 843 22.00 16.72 18.16
N ALA A 844 23.28 16.55 18.47
CA ALA A 844 23.87 17.17 19.66
C ALA A 844 23.98 18.67 19.47
N PHE A 845 23.72 19.41 20.55
CA PHE A 845 23.85 20.86 20.51
C PHE A 845 25.33 21.25 20.49
N SER A 846 25.59 22.41 19.88
CA SER A 846 26.87 23.09 20.05
C SER A 846 26.75 24.08 21.20
N GLU A 847 27.89 24.59 21.66
CA GLU A 847 27.88 25.59 22.71
C GLU A 847 28.86 26.71 22.36
N HIS A 848 28.46 27.95 22.66
CA HIS A 848 29.28 29.12 22.37
C HIS A 848 29.28 30.04 23.57
N THR A 849 30.45 30.58 23.90
CA THR A 849 30.53 31.54 24.99
C THR A 849 29.89 32.87 24.58
N VAL A 850 29.35 33.57 25.58
CA VAL A 850 28.72 34.87 25.35
C VAL A 850 29.75 35.90 24.90
N GLY A 851 30.93 35.89 25.51
CA GLY A 851 31.93 36.91 25.24
C GLY A 851 33.00 36.56 24.23
N ALA A 852 32.62 35.95 23.12
CA ALA A 852 33.54 35.70 22.01
C ALA A 852 33.06 36.43 20.76
N ALA A 853 33.79 36.21 19.67
CA ALA A 853 33.40 36.76 18.37
C ALA A 853 32.25 35.95 17.81
N TRP A 854 31.12 36.60 17.57
CA TRP A 854 29.93 35.94 17.06
C TRP A 854 29.82 36.21 15.57
N LYS A 855 29.73 35.13 14.78
CA LYS A 855 29.49 35.24 13.36
C LYS A 855 27.98 35.29 13.10
N GLY A 856 27.62 35.48 11.82
CA GLY A 856 26.22 35.47 11.46
C GLY A 856 25.57 34.09 11.60
N ALA A 857 26.33 33.04 11.27
CA ALA A 857 25.82 31.68 11.38
C ALA A 857 25.53 31.30 12.82
N GLU A 858 26.48 31.60 13.72
CA GLU A 858 26.31 31.28 15.13
C GLU A 858 25.20 32.09 15.77
N LEU A 859 25.01 33.34 15.33
CA LEU A 859 23.86 34.11 15.77
C LEU A 859 22.55 33.51 15.24
N ARG A 860 22.58 32.94 14.03
CA ARG A 860 21.39 32.31 13.47
C ARG A 860 21.07 30.99 14.17
N ARG A 861 22.06 30.32 14.75
CA ARG A 861 21.84 28.99 15.33
C ARG A 861 21.47 29.02 16.81
N ILE A 862 21.26 30.19 17.40
CA ILE A 862 20.98 30.30 18.84
C ILE A 862 19.63 29.66 19.15
N VAL A 863 19.66 28.62 19.99
CA VAL A 863 18.50 27.75 20.17
C VAL A 863 17.40 28.45 20.96
N GLU A 864 17.76 29.04 22.09
CA GLU A 864 16.79 29.65 23.00
C GLU A 864 16.23 30.92 22.37
N PRO A 865 14.91 31.02 22.16
CA PRO A 865 14.35 32.20 21.49
C PRO A 865 14.55 33.51 22.24
N GLU A 866 14.57 33.47 23.58
CA GLU A 866 14.73 34.68 24.37
C GLU A 866 16.18 35.17 24.37
N VAL A 867 17.14 34.25 24.47
CA VAL A 867 18.55 34.58 24.30
C VAL A 867 18.81 35.07 22.87
N TYR A 868 18.12 34.46 21.90
CA TYR A 868 18.22 34.86 20.51
C TYR A 868 17.73 36.30 20.32
N ALA A 869 16.59 36.64 20.91
CA ALA A 869 16.04 37.99 20.81
C ALA A 869 16.95 39.00 21.52
N ALA A 870 17.58 38.58 22.62
CA ALA A 870 18.55 39.44 23.29
C ALA A 870 19.76 39.72 22.40
N PHE A 871 20.28 38.69 21.72
CA PHE A 871 21.42 38.91 20.83
C PHE A 871 21.04 39.76 19.61
N LEU A 872 19.81 39.66 19.12
CA LEU A 872 19.31 40.64 18.15
C LEU A 872 19.23 42.04 18.74
N ALA A 873 18.86 42.17 20.02
CA ALA A 873 18.87 43.51 20.62
C ALA A 873 20.27 44.09 20.71
N LEU A 874 21.28 43.24 20.92
CA LEU A 874 22.68 43.72 20.83
C LEU A 874 23.07 44.12 19.40
N THR A 875 22.80 43.28 18.41
CA THR A 875 23.26 43.60 17.04
C THR A 875 22.48 44.74 16.42
N ASP A 876 21.14 44.73 16.52
CA ASP A 876 20.31 45.78 15.96
C ASP A 876 19.18 46.05 16.94
N PRO A 877 19.31 47.09 17.78
CA PRO A 877 18.34 47.32 18.87
C PRO A 877 16.92 47.60 18.42
N GLY A 878 16.74 48.22 17.26
CA GLY A 878 15.39 48.43 16.76
C GLY A 878 14.88 47.39 15.80
N GLY A 879 15.78 46.55 15.28
CA GLY A 879 15.39 45.58 14.26
C GLY A 879 14.66 44.40 14.87
N ARG A 880 13.49 44.09 14.32
CA ARG A 880 12.72 42.94 14.79
C ARG A 880 13.32 41.62 14.30
N PHE A 881 14.03 41.63 13.18
CA PHE A 881 14.60 40.43 12.59
C PHE A 881 16.11 40.54 12.54
N LEU A 882 16.76 39.41 12.28
CA LEU A 882 18.22 39.30 12.19
C LEU A 882 18.66 39.31 10.73
N LYS A 883 19.42 40.33 10.34
CA LYS A 883 19.94 40.47 8.98
C LYS A 883 21.46 40.38 9.00
N VAL A 884 21.99 39.16 8.92
CA VAL A 884 23.43 38.95 8.94
C VAL A 884 23.84 37.98 7.84
N SER A 885 24.96 38.26 7.19
CA SER A 885 25.61 37.28 6.34
C SER A 885 26.11 36.12 7.19
N PRO A 886 26.01 34.88 6.71
CA PRO A 886 26.53 33.73 7.49
C PRO A 886 28.02 33.79 7.72
N SER A 887 28.80 34.31 6.78
CA SER A 887 30.25 34.37 6.90
C SER A 887 30.75 35.66 7.52
N GLU A 888 29.87 36.62 7.80
CA GLU A 888 30.28 37.89 8.37
C GLU A 888 30.64 37.72 9.85
N ASP A 889 31.64 38.49 10.29
CA ASP A 889 31.99 38.58 11.71
C ASP A 889 31.17 39.71 12.30
N VAL A 890 30.05 39.37 12.96
CA VAL A 890 29.12 40.37 13.45
C VAL A 890 29.64 41.01 14.72
N LEU A 891 29.98 40.21 15.73
CA LEU A 891 30.45 40.74 16.99
C LEU A 891 31.88 40.31 17.26
N PRO A 892 32.69 41.16 17.91
CA PRO A 892 34.03 40.73 18.32
C PRO A 892 34.05 40.07 19.68
N ALA A 893 35.23 39.69 20.15
CA ALA A 893 35.37 39.09 21.48
C ALA A 893 35.28 40.18 22.53
N ASP A 894 34.07 40.44 23.01
CA ASP A 894 33.81 41.43 24.04
C ASP A 894 33.75 40.70 25.37
N GLU A 895 34.80 40.83 26.17
CA GLU A 895 34.95 40.05 27.40
C GLU A 895 34.15 40.62 28.56
N ASN A 896 33.43 41.72 28.33
CA ASN A 896 32.59 42.34 29.36
C ASN A 896 31.11 42.35 28.95
N ARG A 897 30.71 41.40 28.11
CA ARG A 897 29.37 41.35 27.57
C ARG A 897 28.46 40.53 28.49
N HIS A 898 27.41 41.16 29.01
CA HIS A 898 26.42 40.51 29.85
C HIS A 898 25.07 40.50 29.13
N ILE A 899 24.42 39.35 29.11
CA ILE A 899 23.11 39.20 28.47
C ILE A 899 22.06 39.26 29.57
N VAL A 900 21.24 40.30 29.55
CA VAL A 900 20.20 40.49 30.56
C VAL A 900 18.94 39.79 30.06
N LEU A 901 18.70 38.59 30.56
CA LEU A 901 17.47 37.88 30.27
C LEU A 901 16.36 38.29 31.25
N SER A 902 15.19 37.67 31.09
CA SER A 902 14.03 37.98 31.93
C SER A 902 14.24 37.50 33.36
N ASP A 903 14.76 36.29 33.54
CA ASP A 903 14.87 35.70 34.86
C ASP A 903 16.29 35.59 35.40
N ARG A 904 17.30 35.81 34.56
CA ARG A 904 18.68 35.66 35.00
C ARG A 904 19.57 36.56 34.15
N VAL A 905 20.89 36.45 34.39
CA VAL A 905 21.90 37.19 33.64
C VAL A 905 22.94 36.17 33.15
N LEU A 906 23.32 36.28 31.88
CA LEU A 906 24.37 35.44 31.30
C LEU A 906 25.68 36.20 31.30
N GLY A 907 26.67 35.66 32.01
CA GLY A 907 28.00 36.23 32.04
C GLY A 907 28.74 35.97 30.74
N PRO A 908 29.84 36.70 30.52
CA PRO A 908 30.58 36.58 29.25
C PRO A 908 31.26 35.23 29.06
N ARG A 909 31.54 34.48 30.11
CA ARG A 909 32.12 33.15 29.97
C ARG A 909 31.09 32.03 29.97
N ASP A 910 29.83 32.33 30.28
CA ASP A 910 28.83 31.29 30.41
C ASP A 910 28.37 30.86 29.01
N ARG A 911 28.13 29.57 28.86
CA ARG A 911 27.87 28.96 27.55
C ARG A 911 26.41 29.08 27.15
N VAL A 912 26.17 29.11 25.83
CA VAL A 912 24.86 29.27 25.24
C VAL A 912 24.68 28.12 24.25
N LYS A 913 23.51 27.47 24.29
CA LYS A 913 23.18 26.38 23.37
C LYS A 913 22.96 26.93 21.95
N LEU A 914 23.57 26.26 20.97
CA LEU A 914 23.42 26.57 19.56
C LEU A 914 23.10 25.32 18.76
N PHE A 915 22.36 25.51 17.68
CA PHE A 915 22.04 24.41 16.77
C PHE A 915 23.30 23.95 16.06
N PRO A 916 23.46 22.63 15.84
CA PRO A 916 24.72 22.11 15.29
C PRO A 916 25.05 22.57 13.88
N ASP A 917 24.04 22.90 13.07
CA ASP A 917 24.25 23.29 11.69
C ASP A 917 23.46 24.57 11.39
N ASP A 918 23.92 25.31 10.39
CA ASP A 918 23.27 26.56 10.00
C ASP A 918 22.17 26.28 9.00
N ARG A 919 21.11 25.65 9.51
CA ARG A 919 19.90 25.37 8.77
C ARG A 919 18.77 25.26 9.77
N GLY A 920 17.54 25.28 9.26
CA GLY A 920 16.35 25.27 10.10
C GLY A 920 16.23 24.09 11.04
N SER A 921 16.15 24.38 12.34
CA SER A 921 16.12 23.33 13.36
C SER A 921 15.28 23.80 14.52
N ILE A 922 14.76 22.84 15.29
CA ILE A 922 13.97 23.12 16.48
C ILE A 922 14.38 22.21 17.63
N ARG A 923 14.11 22.68 18.85
CA ARG A 923 14.25 21.90 20.07
C ARG A 923 13.11 20.88 20.21
N VAL A 924 13.46 19.59 20.17
CA VAL A 924 12.57 18.50 20.58
C VAL A 924 13.32 17.61 21.58
N ARG A 925 12.75 17.51 22.80
CA ARG A 925 13.15 16.56 23.85
C ARG A 925 14.64 16.65 24.21
N GLY A 926 15.08 17.87 24.53
CA GLY A 926 16.46 18.08 24.90
C GLY A 926 17.44 17.86 23.76
N GLY A 927 16.99 18.05 22.51
CA GLY A 927 17.84 17.78 21.37
C GLY A 927 17.38 18.61 20.18
N ALA A 928 18.25 18.68 19.18
CA ALA A 928 17.99 19.48 17.99
C ALA A 928 17.56 18.56 16.85
N ALA A 929 16.51 18.95 16.15
CA ALA A 929 16.10 18.25 14.94
C ALA A 929 15.95 19.24 13.80
N TYR A 930 16.37 18.83 12.61
CA TYR A 930 16.15 19.65 11.42
C TYR A 930 14.66 19.72 11.11
N ILE A 931 14.27 20.83 10.50
CA ILE A 931 12.89 20.96 10.05
C ILE A 931 12.64 20.07 8.84
N ALA A 932 11.39 19.69 8.66
CA ALA A 932 11.01 18.80 7.58
C ALA A 932 10.82 19.60 6.29
N SER A 933 10.23 18.97 5.27
CA SER A 933 9.92 19.66 4.03
C SER A 933 8.87 20.74 4.29
N PHE A 934 8.97 21.84 3.54
CA PHE A 934 8.19 23.04 3.84
C PHE A 934 6.72 22.82 3.52
N HIS A 935 5.87 23.23 4.45
CA HIS A 935 4.43 23.16 4.21
C HIS A 935 4.01 24.14 3.12
N HIS A 936 4.60 25.33 3.08
CA HIS A 936 4.32 26.29 2.03
C HIS A 936 5.47 27.29 1.92
N ALA A 937 5.28 28.29 1.06
CA ALA A 937 6.14 29.46 0.99
C ALA A 937 5.26 30.67 0.78
N ARG A 938 5.32 31.63 1.71
CA ARG A 938 4.61 32.89 1.55
C ARG A 938 5.37 33.80 0.59
N VAL A 939 4.65 34.37 -0.37
CA VAL A 939 5.26 35.23 -1.39
C VAL A 939 5.25 36.66 -0.86
N PHE A 940 6.42 37.28 -0.82
CA PHE A 940 6.55 38.68 -0.43
C PHE A 940 7.01 39.50 -1.62
N ARG A 941 6.36 40.64 -1.83
CA ARG A 941 6.66 41.54 -2.93
C ARG A 941 6.91 42.93 -2.37
N TRP A 942 7.99 43.58 -2.82
CA TRP A 942 8.28 44.93 -2.39
C TRP A 942 8.89 45.73 -3.52
N GLY A 943 8.67 47.03 -3.50
CA GLY A 943 9.30 47.95 -4.44
C GLY A 943 8.27 48.63 -5.32
N SER A 944 8.78 49.24 -6.38
CA SER A 944 7.93 49.95 -7.32
C SER A 944 7.15 48.96 -8.18
N SER A 945 5.90 49.33 -8.52
CA SER A 945 5.00 48.43 -9.22
C SER A 945 5.45 48.11 -10.64
N HIS A 946 6.26 48.98 -11.26
CA HIS A 946 6.79 48.68 -12.58
C HIS A 946 7.90 47.63 -12.54
N SER A 947 8.60 47.48 -11.40
CA SER A 947 9.65 46.47 -11.28
C SER A 947 9.85 46.07 -9.83
N PRO A 948 9.00 45.22 -9.26
CA PRO A 948 9.13 44.85 -7.85
C PRO A 948 9.91 43.57 -7.64
N SER A 949 10.54 43.48 -6.47
CA SER A 949 11.33 42.32 -6.09
C SER A 949 10.47 41.36 -5.27
N PHE A 950 10.81 40.07 -5.37
CA PHE A 950 10.02 38.97 -4.84
C PHE A 950 10.90 38.06 -4.00
N ALA A 951 10.34 37.53 -2.91
CA ALA A 951 11.03 36.54 -2.10
C ALA A 951 10.03 35.55 -1.53
N LEU A 952 10.55 34.39 -1.13
CA LEU A 952 9.74 33.32 -0.56
C LEU A 952 10.13 33.13 0.91
N LEU A 953 9.16 33.28 1.80
CA LEU A 953 9.29 32.88 3.20
C LEU A 953 8.84 31.43 3.29
N ARG A 954 9.82 30.51 3.32
CA ARG A 954 9.52 29.08 3.32
C ARG A 954 9.15 28.64 4.72
N VAL A 955 7.96 28.08 4.88
CA VAL A 955 7.39 27.74 6.19
C VAL A 955 7.16 26.23 6.24
N SER A 956 7.80 25.58 7.21
CA SER A 956 7.66 24.15 7.46
C SER A 956 6.65 23.92 8.57
N LEU A 957 6.43 22.64 8.89
CA LEU A 957 5.49 22.30 9.95
C LEU A 957 6.06 22.57 11.33
N ALA A 958 7.39 22.52 11.48
CA ALA A 958 8.04 22.87 12.74
C ALA A 958 7.86 24.34 13.07
N ASP A 959 7.80 25.20 12.05
CA ASP A 959 7.59 26.63 12.26
C ASP A 959 6.24 26.90 12.90
N LEU A 960 5.20 26.25 12.40
CA LEU A 960 3.87 26.43 12.96
C LEU A 960 3.72 25.67 14.28
N ALA A 961 4.51 24.61 14.47
CA ALA A 961 4.48 23.88 15.73
C ALA A 961 5.06 24.72 16.86
N VAL A 962 6.24 25.30 16.64
CA VAL A 962 6.86 26.10 17.69
C VAL A 962 6.25 27.50 17.78
N ALA A 963 5.51 27.93 16.77
CA ALA A 963 4.85 29.23 16.81
C ALA A 963 3.47 29.17 17.46
N GLY A 964 3.05 28.00 17.92
CA GLY A 964 1.73 27.84 18.51
C GLY A 964 0.57 28.03 17.55
N LEU A 965 0.74 27.61 16.30
CA LEU A 965 -0.29 27.74 15.28
C LEU A 965 -0.88 26.41 14.85
N LEU A 966 -0.42 25.29 15.41
CA LEU A 966 -1.02 23.99 15.15
C LEU A 966 -2.16 23.70 16.12
N ARG A 967 -3.09 24.65 16.20
CA ARG A 967 -4.25 24.58 17.06
C ARG A 967 -5.47 24.96 16.24
N ASP A 968 -6.65 24.56 16.71
CA ASP A 968 -7.86 24.69 15.93
C ASP A 968 -8.29 26.15 15.84
N GLY A 969 -8.33 26.69 14.63
CA GLY A 969 -8.78 28.04 14.39
C GLY A 969 -7.69 29.00 13.93
N VAL A 970 -6.72 28.51 13.17
CA VAL A 970 -5.60 29.30 12.72
C VAL A 970 -5.50 29.18 11.20
N ASP A 971 -5.41 30.31 10.51
CA ASP A 971 -5.04 30.34 9.10
C ASP A 971 -3.52 30.26 9.04
N VAL A 972 -2.99 29.08 8.72
CA VAL A 972 -1.54 28.86 8.77
C VAL A 972 -0.81 29.53 7.61
N PHE A 973 -1.51 29.89 6.55
CA PHE A 973 -0.91 30.56 5.41
C PHE A 973 -0.84 32.06 5.55
N THR A 974 -1.40 32.63 6.63
CA THR A 974 -1.46 34.08 6.77
C THR A 974 -0.97 34.54 8.13
N ALA A 975 -1.16 33.72 9.16
CA ALA A 975 -0.81 34.10 10.53
C ALA A 975 0.69 34.26 10.72
N GLU A 976 1.06 35.34 11.42
CA GLU A 976 2.44 35.79 11.48
C GLU A 976 3.30 34.84 12.32
N LEU A 977 4.56 34.72 11.94
CA LEU A 977 5.54 33.90 12.63
C LEU A 977 6.48 34.78 13.44
N PRO A 978 6.84 34.35 14.66
CA PRO A 978 7.80 35.10 15.47
C PRO A 978 9.18 35.09 14.83
N PRO A 979 10.02 36.09 15.13
CA PRO A 979 11.34 36.19 14.46
C PRO A 979 12.30 35.06 14.78
N TRP A 980 12.10 34.33 15.88
CA TRP A 980 12.97 33.23 16.24
C TRP A 980 12.61 31.91 15.57
N THR A 981 11.55 31.88 14.75
CA THR A 981 11.25 30.68 14.00
C THR A 981 12.31 30.47 12.91
N PRO A 982 12.60 29.22 12.55
CA PRO A 982 13.59 28.95 11.48
C PRO A 982 13.19 29.49 10.11
N ALA A 983 11.90 29.75 9.87
CA ALA A 983 11.46 30.36 8.62
C ALA A 983 11.99 31.79 8.51
N TRP A 984 11.99 32.52 9.62
CA TRP A 984 12.44 33.91 9.58
C TRP A 984 13.92 34.02 9.87
N ARG A 985 14.51 33.04 10.58
CA ARG A 985 15.96 33.00 10.71
C ARG A 985 16.62 32.74 9.37
N TYR A 986 16.08 31.81 8.58
CA TYR A 986 16.73 31.37 7.35
C TYR A 986 16.02 31.88 6.11
N ALA A 987 15.30 32.99 6.23
CA ALA A 987 14.80 33.70 5.07
C ALA A 987 15.96 34.43 4.37
N SER A 988 15.68 34.93 3.17
CA SER A 988 16.70 35.68 2.44
C SER A 988 16.92 37.05 3.08
N ILE A 989 18.13 37.58 2.85
CA ILE A 989 18.57 38.83 3.47
C ILE A 989 17.75 40.01 2.94
N ALA A 990 17.45 39.99 1.64
CA ALA A 990 16.65 41.06 1.05
C ALA A 990 15.23 41.06 1.58
N LEU A 991 14.67 39.86 1.81
CA LEU A 991 13.35 39.75 2.44
C LEU A 991 13.36 40.28 3.86
N VAL A 992 14.41 39.95 4.63
CA VAL A 992 14.52 40.44 6.02
C VAL A 992 14.61 41.97 6.04
N LYS A 993 15.45 42.54 5.17
CA LYS A 993 15.61 43.99 5.12
C LYS A 993 14.33 44.68 4.62
N ALA A 994 13.60 44.06 3.69
CA ALA A 994 12.38 44.67 3.19
C ALA A 994 11.26 44.62 4.23
N VAL A 995 11.18 43.54 5.01
CA VAL A 995 10.16 43.47 6.06
C VAL A 995 10.48 44.44 7.19
N GLU A 996 11.77 44.60 7.53
CA GLU A 996 12.17 45.69 8.43
C GLU A 996 11.82 47.06 7.88
N SER A 997 12.00 47.26 6.57
CA SER A 997 11.67 48.54 5.96
C SER A 997 10.17 48.78 5.88
N GLY A 998 9.37 47.72 5.94
CA GLY A 998 7.92 47.85 5.90
C GLY A 998 7.32 47.95 4.52
N ASP A 999 8.12 47.87 3.47
CA ASP A 999 7.60 47.90 2.11
C ASP A 999 7.23 46.52 1.57
N ALA A 1000 7.54 45.46 2.29
CA ALA A 1000 7.22 44.11 1.86
C ALA A 1000 5.91 43.64 2.49
N LYS A 1001 5.01 43.12 1.66
CA LYS A 1001 3.74 42.58 2.11
C LYS A 1001 3.58 41.17 1.56
N GLN A 1002 2.81 40.36 2.27
CA GLN A 1002 2.49 39.02 1.79
C GLN A 1002 1.31 39.11 0.82
N VAL A 1003 1.53 38.65 -0.40
CA VAL A 1003 0.55 38.78 -1.48
C VAL A 1003 0.02 37.43 -1.92
N GLY A 1004 0.38 36.37 -1.24
CA GLY A 1004 -0.06 35.04 -1.61
C GLY A 1004 0.84 34.00 -0.99
N TRP A 1005 0.53 32.74 -1.28
CA TRP A 1005 1.35 31.63 -0.84
C TRP A 1005 1.41 30.58 -1.93
N LEU A 1006 2.39 29.69 -1.82
CA LEU A 1006 2.58 28.59 -2.76
C LEU A 1006 2.80 27.31 -1.99
N VAL A 1007 2.22 26.23 -2.48
CA VAL A 1007 2.40 24.91 -1.88
C VAL A 1007 3.02 24.02 -2.96
N PRO A 1008 3.72 22.93 -2.55
CA PRO A 1008 4.15 21.93 -3.54
C PRO A 1008 2.99 21.30 -4.29
N GLY A 1009 2.88 21.59 -5.57
CA GLY A 1009 1.74 21.22 -6.37
C GLY A 1009 0.99 22.37 -7.01
N ASP A 1010 1.31 23.61 -6.65
CA ASP A 1010 0.68 24.76 -7.30
C ASP A 1010 1.13 24.90 -8.74
N GLU A 1011 0.20 25.31 -9.60
CA GLU A 1011 0.44 25.44 -11.03
C GLU A 1011 0.79 26.88 -11.35
N LEU A 1012 1.90 27.08 -12.06
CA LEU A 1012 2.31 28.39 -12.55
C LEU A 1012 2.09 28.44 -14.05
N ASP A 1013 1.27 29.40 -14.49
CA ASP A 1013 0.97 29.62 -15.90
C ASP A 1013 1.73 30.87 -16.36
N PHE A 1014 2.76 30.67 -17.18
CA PHE A 1014 3.55 31.78 -17.68
C PHE A 1014 2.91 32.49 -18.87
N GLY A 1015 1.79 31.98 -19.38
CA GLY A 1015 1.04 32.67 -20.41
C GLY A 1015 1.54 32.31 -21.80
N PRO A 1016 1.08 33.07 -22.81
CA PRO A 1016 1.61 32.86 -24.17
C PRO A 1016 3.08 33.19 -24.32
N GLU A 1017 3.61 34.09 -23.50
CA GLU A 1017 5.02 34.48 -23.60
C GLU A 1017 5.94 33.36 -23.17
N GLY A 1018 5.57 32.64 -22.12
CA GLY A 1018 6.39 31.55 -21.63
C GLY A 1018 7.52 32.05 -20.75
N VAL A 1019 8.64 31.32 -20.78
CA VAL A 1019 9.78 31.62 -19.93
C VAL A 1019 10.72 32.52 -20.73
N THR A 1020 10.52 33.84 -20.56
CA THR A 1020 11.34 34.81 -21.28
C THR A 1020 12.75 34.91 -20.69
N THR A 1021 12.89 34.76 -19.37
CA THR A 1021 14.16 34.95 -18.68
C THR A 1021 14.97 33.67 -18.54
N ALA A 1022 14.87 32.76 -19.52
CA ALA A 1022 15.60 31.50 -19.48
C ALA A 1022 17.11 31.71 -19.61
N ALA A 1023 17.86 30.78 -19.05
CA ALA A 1023 19.32 30.76 -19.14
C ALA A 1023 19.81 29.33 -19.03
N GLY A 1024 20.83 29.00 -19.82
CA GLY A 1024 21.43 27.68 -19.76
C GLY A 1024 20.60 26.61 -20.42
N ASP A 1025 20.61 25.39 -19.85
CA ASP A 1025 19.97 24.23 -20.46
C ASP A 1025 18.46 24.41 -20.56
N LEU A 1026 17.88 25.21 -19.65
CA LEU A 1026 16.47 25.57 -19.72
C LEU A 1026 16.08 26.19 -21.05
N SER A 1027 16.93 27.09 -21.59
CA SER A 1027 16.70 27.70 -22.90
C SER A 1027 16.57 26.65 -24.00
N MET A 1028 17.50 25.70 -24.05
CA MET A 1028 17.45 24.68 -25.10
C MET A 1028 16.34 23.67 -24.84
N PHE A 1029 15.93 23.52 -23.57
CA PHE A 1029 14.71 22.77 -23.29
C PHE A 1029 13.48 23.47 -23.85
N LEU A 1030 13.39 24.79 -23.69
CA LEU A 1030 12.25 25.54 -24.22
C LEU A 1030 12.31 25.74 -25.73
N LYS A 1031 13.44 25.43 -26.37
CA LYS A 1031 13.45 25.42 -27.84
C LYS A 1031 12.59 24.28 -28.40
N TYR A 1032 12.52 23.16 -27.67
CA TYR A 1032 11.84 21.96 -28.16
C TYR A 1032 10.59 21.62 -27.37
N PHE A 1033 10.44 22.14 -26.16
CA PHE A 1033 9.26 21.97 -25.33
C PHE A 1033 8.90 23.34 -24.76
N PRO A 1034 8.20 24.17 -25.53
CA PRO A 1034 7.86 25.52 -25.03
C PRO A 1034 6.80 25.51 -23.94
N GLU A 1035 7.17 25.06 -22.75
CA GLU A 1035 6.20 24.81 -21.68
C GLU A 1035 5.77 26.13 -21.05
N ARG A 1036 4.45 26.32 -20.97
CA ARG A 1036 3.88 27.50 -20.32
C ARG A 1036 3.28 27.19 -18.95
N HIS A 1037 3.12 25.91 -18.61
CA HIS A 1037 2.56 25.49 -17.34
C HIS A 1037 3.59 24.66 -16.59
N TRP A 1038 3.87 25.05 -15.36
CA TRP A 1038 4.82 24.34 -14.50
C TRP A 1038 4.16 24.06 -13.16
N VAL A 1039 4.75 23.13 -12.41
CA VAL A 1039 4.24 22.73 -11.10
C VAL A 1039 5.31 22.99 -10.05
N VAL A 1040 4.90 23.66 -8.96
CA VAL A 1040 5.79 23.81 -7.80
C VAL A 1040 6.04 22.44 -7.19
N THR A 1041 7.31 22.04 -7.12
CA THR A 1041 7.66 20.78 -6.50
C THR A 1041 8.51 20.91 -5.24
N GLY A 1042 9.15 22.06 -5.01
CA GLY A 1042 9.91 22.26 -3.79
C GLY A 1042 10.48 23.67 -3.70
N PHE A 1043 11.19 23.92 -2.60
CA PHE A 1043 11.81 25.21 -2.32
C PHE A 1043 13.22 24.93 -1.77
N GLU A 1044 14.20 24.83 -2.68
CA GLU A 1044 15.46 24.19 -2.30
C GLU A 1044 16.38 25.09 -1.48
N ASP A 1045 16.25 26.41 -1.56
CA ASP A 1045 16.96 27.31 -0.66
C ASP A 1045 16.13 28.57 -0.47
N ASP A 1046 16.72 29.58 0.17
CA ASP A 1046 16.01 30.81 0.49
C ASP A 1046 15.73 31.69 -0.72
N LYS A 1047 16.29 31.37 -1.90
CA LYS A 1047 16.10 32.18 -3.09
C LYS A 1047 15.58 31.41 -4.30
N ARG A 1048 15.49 30.08 -4.23
CA ARG A 1048 15.18 29.24 -5.38
C ARG A 1048 13.93 28.41 -5.14
N ILE A 1049 13.05 28.38 -6.15
CA ILE A 1049 11.89 27.51 -6.20
C ILE A 1049 12.13 26.46 -7.28
N ASN A 1050 11.77 25.21 -7.01
CA ASN A 1050 11.95 24.13 -7.95
C ASN A 1050 10.64 23.90 -8.70
N LEU A 1051 10.72 23.85 -10.03
CA LEU A 1051 9.56 23.72 -10.91
C LEU A 1051 9.82 22.62 -11.92
N LYS A 1052 8.76 21.88 -12.25
CA LYS A 1052 8.78 20.86 -13.29
C LYS A 1052 7.65 21.14 -14.26
N PRO A 1053 7.79 20.75 -15.54
CA PRO A 1053 6.72 21.03 -16.51
C PRO A 1053 5.45 20.23 -16.24
N ALA A 1054 4.32 20.93 -16.32
CA ALA A 1054 3.04 20.35 -15.91
C ALA A 1054 2.55 19.30 -16.90
N PHE A 1055 2.85 19.46 -18.18
CA PHE A 1055 2.31 18.58 -19.21
C PHE A 1055 3.25 17.44 -19.57
N LEU A 1056 4.41 17.33 -18.93
CA LEU A 1056 5.40 16.31 -19.26
C LEU A 1056 5.57 15.33 -18.10
N SER A 1057 5.79 14.06 -18.42
CA SER A 1057 5.82 12.99 -17.44
C SER A 1057 7.25 12.62 -17.03
N ALA A 1058 7.48 12.58 -15.71
CA ALA A 1058 8.79 12.20 -15.19
C ALA A 1058 9.06 10.72 -15.37
N GLU A 1059 8.02 9.88 -15.40
CA GLU A 1059 8.22 8.45 -15.60
C GLU A 1059 8.66 8.15 -17.03
N GLN A 1060 8.04 8.81 -18.00
CA GLN A 1060 8.50 8.74 -19.39
C GLN A 1060 9.89 9.30 -19.52
N ALA A 1061 10.20 10.39 -18.81
CA ALA A 1061 11.53 10.96 -18.90
C ALA A 1061 12.58 10.02 -18.31
N GLU A 1062 12.26 9.32 -17.23
CA GLU A 1062 13.22 8.36 -16.67
C GLU A 1062 13.39 7.12 -17.54
N VAL A 1063 12.32 6.66 -18.22
CA VAL A 1063 12.54 5.50 -19.07
C VAL A 1063 13.32 5.88 -20.34
N LEU A 1064 13.18 7.12 -20.83
CA LEU A 1064 14.14 7.60 -21.83
C LEU A 1064 15.56 7.78 -21.27
N ARG A 1065 15.70 8.18 -20.00
CA ARG A 1065 17.03 8.27 -19.41
C ARG A 1065 17.71 6.90 -19.36
N THR A 1066 16.96 5.87 -18.95
CA THR A 1066 17.48 4.50 -18.92
C THR A 1066 17.78 4.01 -20.34
N GLU A 1067 16.91 4.32 -21.29
CA GLU A 1067 17.10 3.86 -22.67
C GLU A 1067 18.27 4.58 -23.33
N ARG A 1068 18.55 5.83 -22.94
CA ARG A 1068 19.81 6.45 -23.34
C ARG A 1068 21.00 5.78 -22.67
N SER A 1069 20.86 5.39 -21.39
CA SER A 1069 21.97 4.75 -20.69
C SER A 1069 22.32 3.37 -21.26
N ASP A 1070 21.37 2.70 -21.90
CA ASP A 1070 21.63 1.37 -22.45
C ASP A 1070 21.57 1.31 -23.98
N ARG A 1071 20.43 1.67 -24.58
CA ARG A 1071 20.17 1.45 -26.00
C ARG A 1071 20.89 2.48 -26.86
N PRO A 1072 21.39 2.09 -28.05
CA PRO A 1072 22.18 3.02 -28.88
C PRO A 1072 21.36 3.91 -29.80
N ASP A 1073 21.40 5.22 -29.53
CA ASP A 1073 20.84 6.28 -30.39
C ASP A 1073 19.35 6.09 -30.67
N THR A 1074 18.61 5.61 -29.67
CA THR A 1074 17.17 5.43 -29.80
C THR A 1074 16.39 6.69 -29.45
N LEU A 1075 17.07 7.78 -29.11
CA LEU A 1075 16.45 9.04 -28.77
C LEU A 1075 16.92 10.13 -29.73
N THR A 1076 15.99 10.99 -30.14
CA THR A 1076 16.35 12.20 -30.87
C THR A 1076 16.98 13.21 -29.92
N GLU A 1077 17.44 14.32 -30.49
CA GLU A 1077 18.06 15.39 -29.70
C GLU A 1077 17.09 16.01 -28.70
N ALA A 1078 15.80 16.09 -29.05
CA ALA A 1078 14.78 16.49 -28.09
C ALA A 1078 14.67 15.51 -26.93
N GLY A 1079 14.75 14.20 -27.22
CA GLY A 1079 14.78 13.22 -26.15
C GLY A 1079 16.01 13.33 -25.28
N GLU A 1080 17.15 13.71 -25.89
CA GLU A 1080 18.37 13.96 -25.14
C GLU A 1080 18.19 15.11 -24.16
N ILE A 1081 17.60 16.20 -24.65
CA ILE A 1081 17.38 17.38 -23.80
C ILE A 1081 16.38 17.07 -22.68
N LEU A 1082 15.32 16.31 -22.99
CA LEU A 1082 14.33 15.94 -21.98
C LEU A 1082 14.93 15.04 -20.91
N ALA A 1083 15.77 14.08 -21.32
CA ALA A 1083 16.41 13.17 -20.37
C ALA A 1083 17.42 13.91 -19.51
N GLN A 1084 18.13 14.89 -20.08
CA GLN A 1084 19.08 15.63 -19.27
C GLN A 1084 18.40 16.66 -18.38
N PHE A 1085 17.21 17.13 -18.77
CA PHE A 1085 16.46 18.06 -17.94
C PHE A 1085 15.92 17.38 -16.70
N PHE A 1086 15.33 16.20 -16.88
CA PHE A 1086 14.70 15.50 -15.76
C PHE A 1086 15.74 14.72 -14.96
N PRO A 1087 15.47 14.44 -13.64
CA PRO A 1087 14.31 14.78 -12.81
C PRO A 1087 14.44 16.07 -12.00
N ARG A 1088 15.60 16.72 -12.00
CA ARG A 1088 15.78 17.92 -11.19
C ARG A 1088 15.04 19.11 -11.79
N CYS A 1089 14.85 19.10 -13.12
CA CYS A 1089 14.03 20.05 -13.89
C CYS A 1089 14.55 21.47 -13.69
N TRP A 1090 13.68 22.44 -13.38
CA TRP A 1090 14.06 23.85 -13.37
C TRP A 1090 14.23 24.30 -11.92
N ARG A 1091 15.48 24.33 -11.45
CA ARG A 1091 15.81 24.86 -10.13
C ARG A 1091 16.04 26.35 -10.29
N ALA A 1092 14.97 27.13 -10.10
CA ALA A 1092 14.88 28.49 -10.57
C ALA A 1092 15.05 29.52 -9.47
N THR A 1093 15.68 30.64 -9.83
CA THR A 1093 15.69 31.79 -8.93
C THR A 1093 14.30 32.42 -8.90
N VAL A 1094 13.80 32.69 -7.68
CA VAL A 1094 12.46 33.22 -7.47
C VAL A 1094 12.29 34.58 -8.14
N ALA A 1095 13.36 35.39 -8.16
CA ALA A 1095 13.32 36.68 -8.87
C ALA A 1095 13.12 36.48 -10.37
N LYS A 1096 13.77 35.46 -10.94
CA LYS A 1096 13.64 35.19 -12.37
C LYS A 1096 12.24 34.68 -12.71
N VAL A 1097 11.66 33.86 -11.84
CA VAL A 1097 10.32 33.34 -12.09
C VAL A 1097 9.28 34.44 -11.96
N LEU A 1098 9.27 35.13 -10.82
CA LEU A 1098 8.20 36.07 -10.54
C LEU A 1098 8.42 37.44 -11.18
N CYS A 1099 9.55 37.63 -11.88
CA CYS A 1099 9.70 38.81 -12.73
C CYS A 1099 9.07 38.63 -14.11
N HIS A 1100 8.49 37.47 -14.39
CA HIS A 1100 7.70 37.29 -15.60
C HIS A 1100 6.39 38.04 -15.51
N PRO A 1101 6.10 38.99 -16.40
CA PRO A 1101 4.79 39.63 -16.37
C PRO A 1101 3.75 38.74 -17.04
N GLY A 1102 2.57 38.68 -16.43
CA GLY A 1102 1.54 37.78 -16.88
C GLY A 1102 1.64 36.38 -16.32
N LEU A 1103 2.63 36.09 -15.50
CA LEU A 1103 2.66 34.86 -14.74
C LEU A 1103 1.57 34.83 -13.69
N THR A 1104 0.79 33.74 -13.69
CA THR A 1104 -0.31 33.56 -12.75
C THR A 1104 -0.12 32.27 -11.99
N VAL A 1105 -0.65 32.24 -10.77
CA VAL A 1105 -0.70 31.01 -9.98
C VAL A 1105 -2.13 30.49 -10.09
N ILE A 1106 -2.30 29.35 -10.75
CA ILE A 1106 -3.60 28.86 -11.16
C ILE A 1106 -4.05 27.81 -10.16
N ARG A 1107 -5.07 28.14 -9.38
CA ARG A 1107 -5.75 27.18 -8.52
C ARG A 1107 -7.04 26.78 -9.23
N ARG A 1108 -7.19 25.50 -9.54
CA ARG A 1108 -8.25 25.04 -10.41
C ARG A 1108 -9.41 24.45 -9.64
N THR A 1109 -10.61 24.62 -10.19
CA THR A 1109 -11.77 23.87 -9.74
C THR A 1109 -11.63 22.41 -10.16
N ALA A 1110 -12.58 21.59 -9.69
CA ALA A 1110 -12.52 20.15 -9.94
C ALA A 1110 -12.69 19.80 -11.41
N LEU A 1111 -13.31 20.67 -12.21
CA LEU A 1111 -13.47 20.45 -13.63
C LEU A 1111 -12.27 20.94 -14.44
N GLY A 1112 -11.24 21.47 -13.76
CA GLY A 1112 -10.06 21.97 -14.43
C GLY A 1112 -10.09 23.43 -14.77
N GLN A 1113 -11.19 24.12 -14.50
CA GLN A 1113 -11.26 25.54 -14.79
C GLN A 1113 -10.64 26.33 -13.65
N PRO A 1114 -9.90 27.41 -13.96
CA PRO A 1114 -9.23 28.17 -12.91
C PRO A 1114 -10.21 28.94 -12.04
N ARG A 1115 -9.96 28.93 -10.74
CA ARG A 1115 -10.82 29.59 -9.75
C ARG A 1115 -10.38 31.03 -9.63
N TRP A 1116 -11.15 31.95 -10.20
CA TRP A 1116 -10.74 33.35 -10.25
C TRP A 1116 -11.57 34.28 -9.36
N ARG A 1117 -12.61 33.79 -8.71
CA ARG A 1117 -13.42 34.58 -7.80
C ARG A 1117 -13.13 34.15 -6.37
N ARG A 1118 -12.81 35.13 -5.53
CA ARG A 1118 -12.39 34.87 -4.15
C ARG A 1118 -13.61 34.48 -3.31
N GLY A 1119 -13.64 33.23 -2.85
CA GLY A 1119 -14.68 32.76 -1.98
C GLY A 1119 -14.11 32.23 -0.68
N HIS A 1120 -14.42 30.97 -0.36
CA HIS A 1120 -13.83 30.25 0.76
C HIS A 1120 -13.09 29.03 0.26
N LEU A 1121 -12.45 29.17 -0.90
CA LEU A 1121 -11.66 28.14 -1.57
C LEU A 1121 -10.48 28.84 -2.23
N PRO A 1122 -9.36 28.14 -2.44
CA PRO A 1122 -8.16 28.81 -2.95
C PRO A 1122 -8.34 29.27 -4.39
N TYR A 1123 -7.98 30.52 -4.64
CA TYR A 1123 -8.29 31.20 -5.88
C TYR A 1123 -7.02 31.53 -6.65
N SER A 1124 -7.17 31.68 -7.95
CA SER A 1124 -6.05 32.08 -8.79
C SER A 1124 -5.66 33.52 -8.50
N TRP A 1125 -4.36 33.79 -8.59
CA TRP A 1125 -3.84 35.12 -8.30
C TRP A 1125 -2.59 35.38 -9.12
N ARG A 1126 -2.34 36.66 -9.35
CA ARG A 1126 -1.17 37.13 -10.08
C ARG A 1126 -0.20 37.78 -9.10
N PRO A 1127 1.05 37.32 -9.00
CA PRO A 1127 2.02 37.97 -8.07
C PRO A 1127 2.28 39.43 -8.37
N TRP A 1128 2.21 39.82 -9.65
CA TRP A 1128 2.28 41.23 -10.04
C TRP A 1128 1.11 42.03 -9.47
N SER A 1129 -0.11 41.54 -9.65
CA SER A 1129 -1.30 42.34 -9.39
C SER A 1129 -1.99 42.00 -8.08
N ALA A 1130 -1.43 41.12 -7.25
CA ALA A 1130 -2.08 40.77 -5.99
C ALA A 1130 -1.97 41.90 -4.98
N ASP A 1131 -3.10 42.24 -4.38
CA ASP A 1131 -3.14 43.18 -3.27
C ASP A 1131 -2.74 42.46 -1.98
N PRO A 1132 -2.36 43.20 -0.94
CA PRO A 1132 -2.20 42.58 0.39
C PRO A 1132 -3.52 42.06 0.94
N TRP A 1133 -3.42 41.31 2.04
CA TRP A 1133 -4.59 40.72 2.67
C TRP A 1133 -5.47 41.79 3.32
N SER A 1134 -6.72 41.40 3.58
CA SER A 1134 -7.79 42.26 4.10
C SER A 1134 -8.00 43.51 3.25
#